data_4BDV
#
_entry.id   4BDV
#
_cell.length_a   133.840
_cell.length_b   133.840
_cell.length_c   355.810
_cell.angle_alpha   90.00
_cell.angle_beta   90.00
_cell.angle_gamma   90.00
#
_symmetry.space_group_name_H-M   'P 41 21 2'
#
loop_
_entity.id
_entity.type
_entity.pdbx_description
1 polymer 'FACTOR VIIIA HEAVY CHAIN, 92 KDA ISOFORM, B DOMAIN'
2 polymer 'FACTOR VIIIA LIGHT CHAIN'
3 branched 2-acetamido-2-deoxy-beta-D-glucopyranose-(1-4)-2-acetamido-2-deoxy-beta-D-glucopyranose
4 branched beta-D-mannopyranose-(1-3)-[beta-D-mannopyranose-(1-6)]beta-D-mannopyranose-(1-4)-2-acetamido-2-deoxy-beta-D-glucopyranose-(1-4)-2-acetamido-2-deoxy-beta-D-glucopyranose
5 non-polymer 'ZINC ION'
6 non-polymer 'CALCIUM ION'
7 non-polymer 1,2-ETHANEDIOL
8 non-polymer 'COPPER (I) ION'
#
loop_
_entity_poly.entity_id
_entity_poly.type
_entity_poly.pdbx_seq_one_letter_code
_entity_poly.pdbx_strand_id
1 'polypeptide(L)'
;ATRRYYLGAVELSWDYMQSDLGELPVDARFPPRVPKSFPFNTSVVYKKTLFVEFTDHLFNIAKPRPPWMGLLGPTIQAEV
YDTVVITLKNMASHPVSLHAVGVSYWKASEGAEYDDQTSQREKEDDKVFPGGSHTYVWQVLKENGPMASDPLCLTYSYLS
HVDLVKDLNSGLIGALLVCREGSLAKEKTQTLHKFILLFAVFDEGKSWHSETKNSLMQDRDAASARAWPKMHTVNGYVNR
SLPGLIGCHRKSVYWHVIGMGTTPEVHSIFLEGHTFLVRNHRQASLEISPITFLTAQTLLMDLGQFLLFCHISSHQHDGM
EAYVKVDSCPEEPQLRMKNNEEAEDYDDDLTDSEMDVVRFDDDNSPSFIQIRSVAKKHPKTWVHYIAAEEEDWDYAPLVL
APDDRSYKSQYLNNGPQRIGRKYKKVRFMAYTDETFKTREAIQHESGILGPLLYGEVGDTLLIIFKNQASRPYNIYPHGI
TDVRPLYSRRLPKGVKHLKDFPILPGEIFKYKWTVTVEDGPTKSDPRCLTRYYSSFVNMERDLASGLIGPLLICYKESVD
QRGNQIMSDKRNVILFSVFDENRSWYLTENIQRFLPNPAGVQLEDPEFQASNIMHSINGYVFDSLQLSVCLHEVAYWYIL
SIGAQTDFLSVFFSGYTFKHKMVYEDTLTLFPFSGETVFMSMENPGLWILGCHNSDFRNRGMTALLKVSSCDKNTGDYYE
DSYEDISAYLLSKNNAIEPRSFSQNSRHPSQNPPVLKRHQ
;
A
2 'polypeptide(L)'
;REITRTTLQSDQEEIDYDDTISVEMKKEDFDIYDEDENQSPRSFQKKTRHYFIAAVERLWDYGMSSSPHVLRNRAQSGSV
PQFKKVVFQEFTDGSFTQPLYRGELNEHLGLLGPYIRAEVEDNIMVTFRNQASRPYSFYSSLISYEEDQRQGAEPRKNFV
KPNETKTYFWKVQHHMAPTKDEFDCKAWAYFSDVDLEKDVHSGLIGPLLVCHTNTLNPAHGRQVTVQEFALFFTIFDETK
SWYFTENMERNCRAPCNIQMEDPTFKENYRFHAINGYIMDTLPGLVMAQDQRIRWYLLSMGSNENIHSIHFSGHVFTVRK
KEEYKMALYNLYPGVFETVEMLPSKAGIWRVECLIGEHLHAGMSTLFLVYSNKCQTPLGMASGHIRDFQITASGQYGQWA
PKLARLHYSGSINAWSTKEPFSWIKVDLLAPMIIHGIKTQGARQKFSSLYISQFIIMYSLDGKKWQTYRGNSTGTLMVFF
GNVDSSGIKHNIFNPPIIARYIRLHPTHYSIRSTLRMELMGCDLNSCSMPLGMESKAISDAQITASSYFTNMFATWSPSK
ARLHLQGRSNAWRPQVNNPKEWLQVDFQKTMKVTGVTTQGVKSLLTSMYVKEFLISSSQDGHQWTLFFQNGKVKVFQGNQ
DSFTPVVNSLDPPLLTRYLRIHPQSWVHQIALRMEVLGCEAQDLY
;
B
#
# COMPACT_ATOMS: atom_id res chain seq x y z
N ALA A 1 17.48 -17.82 18.68
CA ALA A 1 16.00 -17.74 18.67
C ALA A 1 15.45 -16.85 19.80
N THR A 2 16.00 -15.63 20.00
CA THR A 2 15.53 -14.72 21.09
C THR A 2 16.45 -13.52 21.47
N ARG A 3 15.94 -12.28 21.43
CA ARG A 3 16.82 -11.10 21.34
C ARG A 3 16.44 -9.82 22.12
N ARG A 4 16.64 -9.75 23.43
CA ARG A 4 16.08 -8.61 24.21
C ARG A 4 16.82 -7.26 24.14
N TYR A 5 16.04 -6.20 23.86
CA TYR A 5 16.55 -4.85 23.64
C TYR A 5 16.01 -3.81 24.64
N TYR A 6 16.92 -3.25 25.45
CA TYR A 6 16.50 -2.44 26.61
C TYR A 6 16.12 -0.98 26.33
N LEU A 7 15.75 -0.71 25.08
CA LEU A 7 15.51 0.62 24.50
C LEU A 7 14.82 1.73 25.34
N GLY A 8 15.19 2.99 25.11
CA GLY A 8 14.62 4.17 25.82
C GLY A 8 14.45 5.41 24.95
N ALA A 9 13.47 6.27 25.28
CA ALA A 9 13.01 7.32 24.33
C ALA A 9 13.34 8.71 24.77
N VAL A 10 14.63 9.03 24.70
CA VAL A 10 15.21 10.24 25.32
C VAL A 10 15.26 11.48 24.43
N GLU A 11 15.13 12.66 25.05
CA GLU A 11 15.30 13.91 24.35
C GLU A 11 16.68 14.45 24.65
N LEU A 12 17.53 14.47 23.62
CA LEU A 12 18.79 15.21 23.71
C LEU A 12 18.88 16.37 22.68
N SER A 13 20.08 16.73 22.24
CA SER A 13 20.32 18.02 21.55
C SER A 13 21.20 17.95 20.25
N TRP A 14 20.70 18.37 19.07
CA TRP A 14 21.32 17.94 17.76
C TRP A 14 22.39 18.82 16.97
N ASP A 15 22.98 18.30 15.87
CA ASP A 15 23.48 19.14 14.71
C ASP A 15 24.44 18.78 13.54
N TYR A 16 25.75 18.86 13.87
CA TYR A 16 26.96 19.14 12.98
C TYR A 16 26.70 19.46 11.51
N VAL A 44 25.73 26.44 14.27
CA VAL A 44 25.35 26.88 15.63
C VAL A 44 23.83 26.57 15.96
N VAL A 45 23.21 25.57 15.32
CA VAL A 45 21.71 25.39 15.37
C VAL A 45 21.04 24.14 16.13
N TYR A 46 19.68 24.05 16.15
CA TYR A 46 18.70 22.88 16.49
C TYR A 46 18.80 21.67 17.53
N LYS A 47 17.67 21.25 18.13
CA LYS A 47 17.68 20.27 19.27
C LYS A 47 16.35 19.54 19.72
N LYS A 48 16.26 18.22 19.48
CA LYS A 48 15.02 17.38 19.68
C LYS A 48 15.09 15.94 20.39
N THR A 49 13.93 15.28 20.59
CA THR A 49 13.77 13.88 21.18
C THR A 49 13.97 12.70 20.20
N LEU A 50 14.75 11.67 20.58
CA LEU A 50 15.09 10.47 19.71
C LEU A 50 15.37 9.10 20.44
N PHE A 51 15.47 8.00 19.70
CA PHE A 51 15.62 6.68 20.33
C PHE A 51 17.02 6.45 20.94
N VAL A 52 17.22 5.35 21.68
CA VAL A 52 18.55 5.01 22.25
C VAL A 52 18.64 3.68 23.02
N GLU A 53 19.85 3.31 23.40
CA GLU A 53 20.15 1.93 23.78
C GLU A 53 19.85 1.47 25.21
N PHE A 54 20.55 2.05 26.20
CA PHE A 54 20.66 1.61 27.63
C PHE A 54 20.80 0.12 27.98
N THR A 55 21.47 -0.13 29.11
CA THR A 55 21.68 -1.51 29.56
C THR A 55 21.10 -1.83 30.97
N ASP A 56 20.75 -0.78 31.70
CA ASP A 56 20.10 -0.90 33.00
C ASP A 56 19.11 -2.05 33.13
N HIS A 57 18.69 -2.28 34.36
CA HIS A 57 17.53 -3.08 34.62
C HIS A 57 16.40 -2.13 34.96
N LEU A 58 16.67 -1.14 35.83
CA LEU A 58 15.64 -0.12 36.19
C LEU A 58 15.50 1.11 35.24
N PHE A 59 16.49 2.01 35.11
CA PHE A 59 16.33 3.21 34.20
C PHE A 59 17.57 3.78 33.40
N ASN A 60 18.81 3.48 33.84
CA ASN A 60 20.04 4.33 33.56
C ASN A 60 20.94 4.24 32.30
N ILE A 61 22.08 4.96 32.38
CA ILE A 61 23.17 4.96 31.37
C ILE A 61 23.60 3.52 31.02
N ALA A 62 23.76 3.27 29.72
CA ALA A 62 24.58 2.14 29.24
C ALA A 62 24.30 1.70 27.77
N LYS A 63 25.12 2.18 26.80
CA LYS A 63 24.77 2.02 25.34
C LYS A 63 25.75 2.53 24.27
N PRO A 64 27.06 2.23 24.37
CA PRO A 64 28.06 3.01 23.61
C PRO A 64 27.84 3.05 22.07
N ARG A 65 27.33 4.17 21.52
CA ARG A 65 26.89 4.26 20.08
C ARG A 65 27.93 4.75 19.02
N PRO A 66 28.05 4.05 17.85
CA PRO A 66 29.16 4.37 16.95
C PRO A 66 28.90 5.61 16.08
N PRO A 67 29.97 6.36 15.77
CA PRO A 67 30.03 7.57 14.96
C PRO A 67 28.80 7.96 14.11
N TRP A 68 28.47 7.13 13.14
CA TRP A 68 27.72 7.56 11.97
C TRP A 68 26.21 7.25 12.00
N MET A 69 25.80 6.26 12.79
CA MET A 69 24.38 6.02 13.11
C MET A 69 23.81 7.28 13.75
N GLY A 70 24.06 8.44 13.14
CA GLY A 70 23.85 9.76 13.77
C GLY A 70 22.90 9.87 14.95
N LEU A 71 21.72 10.40 14.68
CA LEU A 71 20.64 10.45 15.66
C LEU A 71 19.86 9.13 15.68
N LEU A 72 20.10 8.34 14.63
CA LEU A 72 19.42 7.08 14.40
C LEU A 72 19.30 6.21 15.66
N GLY A 73 18.05 5.97 16.06
CA GLY A 73 17.75 4.99 17.09
C GLY A 73 18.47 3.69 16.74
N PRO A 74 18.91 2.95 17.78
CA PRO A 74 19.79 1.78 17.65
C PRO A 74 19.28 0.82 16.59
N THR A 75 20.18 0.19 15.86
CA THR A 75 19.77 -0.71 14.79
C THR A 75 19.40 -2.05 15.42
N ILE A 76 18.10 -2.38 15.47
CA ILE A 76 17.61 -3.69 15.99
C ILE A 76 17.61 -4.73 14.88
N GLN A 77 17.95 -5.97 15.23
CA GLN A 77 18.25 -6.98 14.21
C GLN A 77 17.98 -8.43 14.59
N ALA A 78 17.00 -9.06 13.94
CA ALA A 78 16.62 -10.47 14.21
C ALA A 78 16.60 -11.39 13.00
N GLU A 79 16.61 -12.68 13.29
CA GLU A 79 16.55 -13.70 12.25
C GLU A 79 15.12 -14.16 12.01
N VAL A 80 15.00 -15.21 11.20
CA VAL A 80 13.72 -15.75 10.83
C VAL A 80 13.38 -16.92 11.73
N TYR A 81 13.40 -16.69 13.02
CA TYR A 81 12.64 -17.51 13.94
C TYR A 81 12.80 -16.90 15.31
N ASP A 82 13.70 -15.92 15.38
CA ASP A 82 14.00 -15.19 16.60
C ASP A 82 12.79 -14.47 17.10
N THR A 83 12.88 -13.95 18.32
CA THR A 83 11.82 -13.12 18.88
C THR A 83 12.49 -11.90 19.51
N VAL A 84 12.22 -10.73 18.95
CA VAL A 84 12.76 -9.51 19.51
C VAL A 84 11.90 -9.03 20.66
N VAL A 85 12.54 -8.55 21.73
CA VAL A 85 11.79 -8.03 22.87
C VAL A 85 12.32 -6.69 23.37
N ILE A 86 11.87 -5.65 22.68
CA ILE A 86 12.19 -4.30 23.06
C ILE A 86 11.37 -3.87 24.27
N THR A 87 12.04 -3.30 25.26
CA THR A 87 11.38 -2.91 26.49
C THR A 87 11.50 -1.38 26.54
N LEU A 88 10.50 -0.66 26.04
CA LEU A 88 10.62 0.81 25.86
C LEU A 88 10.50 1.60 27.14
N LYS A 89 11.30 2.67 27.28
CA LYS A 89 11.38 3.45 28.56
C LYS A 89 10.77 4.88 28.57
N ASN A 90 10.51 5.45 27.40
CA ASN A 90 9.99 6.83 27.22
C ASN A 90 10.36 7.85 28.29
N MET A 91 11.52 8.47 28.11
CA MET A 91 12.03 9.40 29.10
C MET A 91 11.63 10.84 28.76
N ALA A 92 11.06 11.03 27.57
CA ALA A 92 10.67 12.34 27.05
C ALA A 92 9.49 13.00 27.82
N SER A 93 9.19 14.26 27.49
CA SER A 93 7.92 14.92 27.88
C SER A 93 6.87 14.78 26.75
N HIS A 94 7.24 13.99 25.75
CA HIS A 94 6.47 13.65 24.56
C HIS A 94 5.63 12.38 24.85
N PRO A 95 4.39 12.34 24.36
CA PRO A 95 3.76 11.01 24.42
C PRO A 95 4.20 10.19 23.20
N VAL A 96 4.93 9.09 23.40
CA VAL A 96 5.48 8.32 22.26
C VAL A 96 5.34 6.79 22.32
N SER A 97 5.41 6.16 21.14
CA SER A 97 5.20 4.71 20.98
C SER A 97 6.42 3.94 20.43
N LEU A 98 6.14 2.81 19.76
CA LEU A 98 7.15 1.95 19.16
C LEU A 98 6.52 1.05 18.09
N HIS A 99 6.33 1.60 16.89
CA HIS A 99 5.67 0.86 15.82
C HIS A 99 6.62 0.24 14.81
N ALA A 100 6.73 -1.09 14.86
CA ALA A 100 7.55 -1.81 13.91
C ALA A 100 6.79 -2.16 12.62
N VAL A 101 7.53 -2.18 11.52
CA VAL A 101 6.99 -2.40 10.19
C VAL A 101 7.68 -3.61 9.60
N GLY A 102 6.92 -4.58 9.12
CA GLY A 102 7.56 -5.69 8.41
C GLY A 102 7.87 -6.89 9.28
N VAL A 103 7.43 -6.80 10.53
CA VAL A 103 7.44 -7.93 11.43
C VAL A 103 6.08 -7.98 12.10
N SER A 104 5.65 -9.17 12.51
CA SER A 104 4.35 -9.27 13.15
C SER A 104 4.41 -9.41 14.69
N TYR A 105 3.23 -9.38 15.31
CA TYR A 105 3.02 -9.27 16.75
C TYR A 105 1.56 -9.52 16.98
N TRP A 106 1.12 -9.46 18.25
CA TRP A 106 -0.32 -9.34 18.55
C TRP A 106 -0.70 -7.87 18.69
N LYS A 107 -1.90 -7.57 19.20
CA LYS A 107 -2.30 -6.15 19.34
C LYS A 107 -1.87 -5.40 20.62
N ALA A 108 -0.89 -5.93 21.35
CA ALA A 108 -0.25 -5.25 22.50
C ALA A 108 1.23 -5.18 22.23
N SER A 109 1.57 -5.28 20.95
CA SER A 109 2.73 -4.60 20.38
C SER A 109 2.13 -3.90 19.16
N GLU A 110 2.95 -3.52 18.17
CA GLU A 110 2.46 -2.68 17.06
C GLU A 110 2.52 -1.22 17.47
N GLY A 111 1.89 -0.91 18.61
CA GLY A 111 2.04 0.39 19.23
C GLY A 111 1.41 1.51 18.45
N ALA A 112 0.19 1.29 17.98
CA ALA A 112 -0.56 2.34 17.29
C ALA A 112 -2.04 2.31 17.66
N GLU A 113 -2.64 3.50 17.74
CA GLU A 113 -4.02 3.61 18.25
C GLU A 113 -5.08 3.93 17.20
N TYR A 114 -6.00 2.98 16.97
CA TYR A 114 -7.21 3.17 16.12
C TYR A 114 -8.41 2.44 16.73
N ASP A 115 -8.71 1.24 16.25
CA ASP A 115 -9.75 0.40 16.83
C ASP A 115 -9.25 -1.01 16.96
N ASP A 116 -8.26 -1.16 17.83
CA ASP A 116 -7.91 -2.47 18.33
C ASP A 116 -9.23 -3.10 18.80
N GLN A 117 -10.10 -2.29 19.38
CA GLN A 117 -11.26 -2.76 20.09
C GLN A 117 -10.93 -3.31 21.45
N THR A 118 -9.65 -3.43 21.76
CA THR A 118 -9.21 -4.26 22.87
C THR A 118 -9.20 -3.55 24.21
N SER A 119 -9.14 -4.32 25.29
CA SER A 119 -8.94 -3.80 26.65
C SER A 119 -7.57 -3.13 26.81
N GLN A 120 -7.35 -2.46 27.93
CA GLN A 120 -6.18 -1.61 28.05
C GLN A 120 -4.88 -2.40 28.10
N ARG A 121 -4.86 -3.56 28.74
CA ARG A 121 -3.61 -4.35 28.76
C ARG A 121 -3.33 -4.79 27.33
N GLU A 122 -4.28 -4.42 26.45
CA GLU A 122 -4.16 -4.59 25.00
C GLU A 122 -4.11 -3.24 24.25
N LYS A 123 -4.30 -2.14 24.96
CA LYS A 123 -4.09 -0.80 24.37
C LYS A 123 -3.00 0.06 25.05
N GLU A 124 -2.22 -0.57 25.92
CA GLU A 124 -1.07 0.08 26.59
C GLU A 124 0.06 0.39 25.64
N ASP A 125 0.30 -0.51 24.68
CA ASP A 125 1.30 -0.29 23.66
C ASP A 125 1.02 1.00 22.88
N ASP A 126 -0.27 1.28 22.63
CA ASP A 126 -0.77 2.27 21.61
C ASP A 126 -0.29 3.74 21.69
N LYS A 127 0.27 4.11 22.85
CA LYS A 127 0.56 5.49 23.27
C LYS A 127 1.24 5.39 24.63
N VAL A 128 2.57 5.31 24.73
CA VAL A 128 3.18 5.36 26.10
C VAL A 128 3.33 6.80 26.59
N PHE A 129 2.72 7.11 27.74
CA PHE A 129 2.67 8.47 28.28
C PHE A 129 4.03 8.88 28.87
N PRO A 130 4.34 10.22 28.90
CA PRO A 130 5.62 10.70 29.46
C PRO A 130 5.94 10.06 30.82
N GLY A 131 7.15 9.50 30.95
CA GLY A 131 7.57 8.76 32.14
C GLY A 131 7.24 7.26 32.11
N GLY A 132 6.67 6.83 30.97
CA GLY A 132 6.02 5.52 30.82
C GLY A 132 6.75 4.34 30.17
N SER A 133 7.25 3.45 31.02
CA SER A 133 7.86 2.20 30.61
C SER A 133 6.79 1.13 30.31
N HIS A 134 6.80 0.64 29.07
CA HIS A 134 6.05 -0.56 28.70
C HIS A 134 6.76 -1.34 27.56
N THR A 135 6.77 -2.66 27.71
CA THR A 135 7.55 -3.58 26.88
C THR A 135 6.77 -4.01 25.66
N TYR A 136 7.51 -4.26 24.58
CA TYR A 136 6.95 -4.77 23.34
C TYR A 136 7.53 -6.14 23.04
N VAL A 137 6.81 -6.88 22.18
CA VAL A 137 7.32 -8.11 21.60
C VAL A 137 6.96 -8.26 20.14
N TRP A 138 8.01 -8.43 19.33
CA TRP A 138 7.88 -8.79 17.94
C TRP A 138 8.44 -10.22 17.70
N GLN A 139 7.71 -11.02 16.90
CA GLN A 139 8.30 -12.23 16.30
C GLN A 139 8.49 -12.13 14.77
N VAL A 140 9.12 -13.15 14.20
CA VAL A 140 9.61 -13.09 12.82
C VAL A 140 9.36 -14.40 12.05
N LEU A 141 8.10 -14.73 11.83
CA LEU A 141 7.68 -16.03 11.25
C LEU A 141 8.27 -16.37 9.88
N LYS A 142 8.25 -17.65 9.53
CA LYS A 142 8.77 -18.07 8.24
C LYS A 142 8.22 -17.08 7.23
N GLU A 143 7.00 -16.62 7.50
CA GLU A 143 6.32 -15.57 6.72
C GLU A 143 7.08 -14.21 6.72
N ASN A 144 7.33 -13.61 7.88
CA ASN A 144 7.86 -12.24 7.93
C ASN A 144 9.20 -12.05 7.20
N GLY A 145 9.82 -13.20 6.85
CA GLY A 145 11.20 -13.31 6.35
C GLY A 145 11.46 -13.13 4.86
N PRO A 146 12.73 -13.02 4.44
CA PRO A 146 13.17 -12.54 3.12
C PRO A 146 13.03 -13.57 2.02
N MET A 147 12.48 -13.13 0.90
CA MET A 147 12.06 -14.07 -0.12
C MET A 147 13.22 -14.79 -0.76
N ALA A 148 12.89 -15.96 -1.33
CA ALA A 148 13.82 -16.77 -2.11
C ALA A 148 14.92 -15.87 -2.67
N SER A 149 14.62 -15.02 -3.64
CA SER A 149 15.70 -14.34 -4.32
C SER A 149 15.82 -12.83 -4.08
N ASP A 150 15.46 -12.38 -2.89
CA ASP A 150 15.85 -11.02 -2.55
C ASP A 150 17.01 -11.02 -1.56
N PRO A 151 17.54 -9.82 -1.21
CA PRO A 151 18.48 -9.49 -0.14
C PRO A 151 18.71 -10.56 0.95
N LEU A 152 19.80 -10.41 1.71
CA LEU A 152 20.06 -11.32 2.83
C LEU A 152 19.36 -10.87 4.12
N CYS A 153 19.22 -9.54 4.25
CA CYS A 153 18.31 -8.88 5.20
C CYS A 153 17.47 -7.80 4.57
N LEU A 154 16.18 -7.92 4.75
CA LEU A 154 15.31 -6.93 4.18
C LEU A 154 15.45 -5.71 5.06
N THR A 155 15.46 -4.56 4.41
CA THR A 155 15.52 -3.31 5.12
C THR A 155 14.11 -2.84 5.40
N TYR A 156 13.84 -2.69 6.70
CA TYR A 156 12.63 -2.06 7.23
C TYR A 156 13.06 -1.07 8.29
N SER A 157 12.20 -0.81 9.25
CA SER A 157 12.52 0.10 10.35
C SER A 157 11.27 0.35 11.22
N TYR A 158 11.48 1.01 12.37
CA TYR A 158 10.43 1.24 13.36
C TYR A 158 10.33 2.71 13.69
N LEU A 159 9.26 3.11 14.34
CA LEU A 159 9.05 4.51 14.63
C LEU A 159 7.92 4.73 15.61
N SER A 160 7.80 5.97 16.05
CA SER A 160 6.68 6.38 16.88
C SER A 160 5.47 6.71 16.03
N HIS A 161 4.40 5.99 16.33
CA HIS A 161 3.17 6.08 15.58
C HIS A 161 2.05 6.61 16.49
N VAL A 162 2.26 7.84 16.97
CA VAL A 162 1.26 8.59 17.74
C VAL A 162 0.91 10.01 17.29
N ASP A 163 1.79 10.68 16.53
CA ASP A 163 1.48 11.97 15.87
C ASP A 163 2.34 12.04 14.61
N LEU A 164 2.95 10.91 14.25
CA LEU A 164 3.88 10.79 13.11
C LEU A 164 4.67 12.05 12.83
N VAL A 165 4.01 13.01 12.18
CA VAL A 165 4.58 14.31 11.93
C VAL A 165 5.28 14.92 13.15
N LYS A 166 4.63 14.86 14.32
CA LYS A 166 5.25 15.29 15.57
C LYS A 166 6.49 14.42 15.83
N ASP A 167 6.34 13.09 15.71
CA ASP A 167 7.32 12.10 16.20
C ASP A 167 8.52 11.82 15.29
N LEU A 168 8.25 11.63 13.99
CA LEU A 168 9.30 11.43 13.00
C LEU A 168 10.22 12.62 13.07
N ASN A 169 9.64 13.79 12.82
CA ASN A 169 10.36 15.07 12.68
C ASN A 169 11.22 15.40 13.86
N SER A 170 10.79 14.96 15.04
CA SER A 170 11.57 15.15 16.28
C SER A 170 12.77 14.20 16.37
N GLY A 171 12.66 13.00 15.80
CA GLY A 171 13.81 12.08 15.67
C GLY A 171 13.63 10.62 16.04
N LEU A 172 12.45 10.08 15.79
CA LEU A 172 12.15 8.75 16.26
C LEU A 172 12.04 7.77 15.09
N ILE A 173 13.21 7.27 14.67
CA ILE A 173 13.30 6.20 13.68
C ILE A 173 14.59 5.37 13.85
N GLY A 174 14.41 4.10 14.19
CA GLY A 174 15.51 3.16 14.30
C GLY A 174 15.48 2.22 13.11
N ALA A 175 16.63 1.63 12.81
CA ALA A 175 16.72 0.74 11.66
C ALA A 175 16.37 -0.68 12.09
N LEU A 176 15.37 -1.29 11.45
CA LEU A 176 14.98 -2.64 11.79
C LEU A 176 15.30 -3.62 10.69
N LEU A 177 16.17 -4.58 11.03
CA LEU A 177 16.59 -5.53 10.04
C LEU A 177 16.12 -6.96 10.30
N VAL A 178 15.44 -7.54 9.30
CA VAL A 178 15.01 -8.96 9.35
C VAL A 178 15.79 -9.85 8.38
N CYS A 179 16.09 -11.07 8.81
CA CYS A 179 17.26 -11.77 8.28
C CYS A 179 17.18 -13.26 8.21
N ARG A 180 17.68 -13.84 7.12
CA ARG A 180 17.68 -15.30 7.01
C ARG A 180 18.51 -15.97 8.14
N GLU A 181 18.58 -17.30 8.12
CA GLU A 181 19.30 -18.13 9.13
C GLU A 181 20.77 -17.82 9.48
N GLY A 182 21.49 -17.12 8.61
CA GLY A 182 22.88 -16.72 8.87
C GLY A 182 22.91 -15.29 9.35
N SER A 183 23.59 -15.07 10.48
CA SER A 183 23.56 -13.80 11.23
C SER A 183 24.68 -13.63 12.30
N LEU A 184 25.03 -12.37 12.60
CA LEU A 184 26.13 -11.96 13.53
C LEU A 184 25.90 -12.43 15.00
N ALA A 185 24.70 -12.95 15.30
CA ALA A 185 24.38 -13.55 16.61
C ALA A 185 24.05 -15.04 16.50
N LYS A 186 24.22 -15.59 15.29
CA LYS A 186 24.15 -17.03 14.98
C LYS A 186 24.66 -17.21 13.55
N GLU A 187 25.92 -17.65 13.41
CA GLU A 187 26.66 -17.68 12.14
C GLU A 187 27.57 -16.45 12.10
N LYS A 188 28.61 -16.48 12.92
CA LYS A 188 29.45 -15.31 13.23
C LYS A 188 30.28 -14.73 12.04
N THR A 189 30.62 -15.59 11.06
CA THR A 189 31.51 -15.23 9.91
C THR A 189 30.86 -14.39 8.79
N GLN A 190 29.60 -14.01 8.99
CA GLN A 190 29.02 -12.94 8.19
C GLN A 190 30.03 -11.80 8.37
N THR A 191 30.72 -11.51 7.27
CA THR A 191 31.82 -10.56 7.29
C THR A 191 31.61 -9.45 6.25
N LEU A 192 30.33 -9.28 5.84
CA LEU A 192 29.90 -8.25 4.87
C LEU A 192 30.02 -6.81 5.40
N HIS A 193 30.31 -5.87 4.51
CA HIS A 193 30.56 -4.49 4.89
C HIS A 193 29.33 -3.58 4.76
N LYS A 194 28.68 -3.28 5.88
CA LYS A 194 27.33 -2.66 5.82
C LYS A 194 26.95 -1.47 6.73
N PHE A 195 26.50 -0.41 6.09
CA PHE A 195 26.05 0.80 6.74
C PHE A 195 24.55 1.00 6.58
N ILE A 196 23.99 1.85 7.42
CA ILE A 196 22.55 2.11 7.43
C ILE A 196 22.31 3.57 6.98
N LEU A 197 21.98 3.76 5.70
CA LEU A 197 21.72 5.11 5.21
C LEU A 197 20.29 5.58 5.42
N LEU A 198 20.14 6.63 6.22
CA LEU A 198 18.85 7.26 6.43
C LEU A 198 18.82 8.64 5.78
N PHE A 199 18.03 8.78 4.73
CA PHE A 199 17.93 10.06 4.04
C PHE A 199 16.76 10.92 4.57
N ALA A 200 17.01 11.62 5.68
CA ALA A 200 15.96 12.32 6.45
C ALA A 200 15.70 13.81 6.15
N VAL A 201 14.47 14.13 5.76
CA VAL A 201 14.02 15.52 5.67
C VAL A 201 13.34 15.89 7.01
N PHE A 202 14.13 16.40 7.96
CA PHE A 202 13.59 16.84 9.25
C PHE A 202 13.05 18.27 9.26
N ASP A 203 11.72 18.40 9.32
CA ASP A 203 11.09 19.70 9.47
C ASP A 203 11.19 20.03 10.94
N GLU A 204 11.75 21.19 11.26
CA GLU A 204 11.94 21.56 12.66
C GLU A 204 10.84 22.44 13.21
N GLY A 205 10.06 23.01 12.30
CA GLY A 205 8.82 23.70 12.67
C GLY A 205 7.59 22.81 12.57
N LYS A 206 7.75 21.54 12.95
CA LYS A 206 6.66 20.56 12.95
C LYS A 206 7.08 19.46 13.91
N SER A 207 7.33 19.87 15.15
CA SER A 207 8.19 19.13 16.06
C SER A 207 7.51 19.09 17.41
N TRP A 208 8.04 19.95 18.25
CA TRP A 208 7.37 20.50 19.38
C TRP A 208 7.94 21.92 19.40
N HIS A 209 8.48 22.33 18.24
CA HIS A 209 8.84 23.74 17.96
C HIS A 209 7.54 24.56 18.15
N SER A 210 7.58 25.51 19.08
CA SER A 210 6.44 26.38 19.43
C SER A 210 6.91 27.72 20.02
N PRO A 229 12.97 28.29 10.41
CA PRO A 229 13.08 26.90 10.91
C PRO A 229 13.19 25.75 9.83
N LYS A 230 14.29 24.95 9.77
CA LYS A 230 14.33 23.61 8.98
C LYS A 230 15.65 22.82 8.48
N MET A 231 16.14 21.80 9.22
CA MET A 231 17.22 20.85 8.74
C MET A 231 16.65 20.02 7.56
N HIS A 232 17.45 19.09 6.97
CA HIS A 232 17.25 18.40 5.62
C HIS A 232 18.40 17.39 5.23
N THR A 233 18.59 16.32 6.01
CA THR A 233 19.91 15.63 6.18
C THR A 233 20.17 14.24 5.50
N VAL A 234 21.26 13.58 5.94
CA VAL A 234 21.59 12.16 5.67
C VAL A 234 22.11 11.54 6.98
N ASN A 235 21.20 11.01 7.78
CA ASN A 235 21.58 10.39 9.05
C ASN A 235 21.63 11.35 10.22
N GLY A 236 21.19 12.58 10.01
CA GLY A 236 21.24 13.63 11.03
C GLY A 236 22.40 14.60 10.80
N TYR A 237 23.26 14.24 9.84
CA TYR A 237 24.38 15.09 9.45
C TYR A 237 24.15 15.85 8.15
N VAL A 238 24.40 17.15 8.25
CA VAL A 238 23.96 18.09 7.25
C VAL A 238 25.19 18.55 6.52
N ASN A 239 24.99 19.23 5.40
CA ASN A 239 26.10 19.82 4.64
C ASN A 239 27.20 18.84 4.18
N ARG A 240 27.90 18.18 5.11
CA ARG A 240 28.59 16.89 4.85
C ARG A 240 29.50 16.51 5.98
N SER A 241 28.98 16.48 7.20
CA SER A 241 29.62 15.76 8.30
C SER A 241 29.23 14.28 8.16
N LEU A 242 29.28 13.51 9.26
CA LEU A 242 28.98 12.07 9.21
C LEU A 242 30.29 11.36 8.93
N PRO A 243 30.91 10.74 9.96
CA PRO A 243 32.23 10.18 9.70
C PRO A 243 32.17 8.82 9.01
N GLY A 244 31.82 7.76 9.77
CA GLY A 244 31.78 6.37 9.28
C GLY A 244 32.28 6.14 7.86
N LEU A 245 31.36 5.82 6.97
CA LEU A 245 31.64 5.68 5.52
C LEU A 245 33.11 5.36 5.10
N ILE A 246 33.34 4.05 5.01
CA ILE A 246 34.59 3.43 4.60
C ILE A 246 34.26 2.08 4.01
N GLY A 247 34.91 1.74 2.90
CA GLY A 247 34.71 0.43 2.27
C GLY A 247 36.07 -0.08 1.85
N CYS A 248 36.23 -1.36 1.63
CA CYS A 248 37.58 -1.84 1.31
C CYS A 248 37.83 -1.87 -0.20
N HIS A 249 39.04 -1.53 -0.63
CA HIS A 249 39.24 -1.22 -2.05
C HIS A 249 38.67 -2.30 -2.99
N ARG A 250 39.08 -3.55 -2.82
CA ARG A 250 38.75 -4.54 -3.85
C ARG A 250 37.30 -4.99 -3.74
N LYS A 251 36.79 -5.05 -2.51
CA LYS A 251 35.47 -5.61 -2.21
C LYS A 251 34.32 -4.60 -2.30
N SER A 252 33.16 -5.00 -1.77
CA SER A 252 31.88 -4.30 -1.97
C SER A 252 31.19 -3.87 -0.71
N VAL A 253 30.24 -2.97 -0.87
CA VAL A 253 29.66 -2.31 0.29
C VAL A 253 28.16 -2.20 0.18
N TYR A 254 27.46 -2.57 1.26
CA TYR A 254 25.98 -2.69 1.28
C TYR A 254 25.31 -1.61 2.04
N TRP A 255 24.23 -1.05 1.51
CA TRP A 255 23.51 0.01 2.23
C TRP A 255 22.08 -0.41 2.59
N HIS A 256 21.72 -0.27 3.87
CA HIS A 256 20.34 -0.49 4.22
C HIS A 256 19.65 0.87 4.19
N VAL A 257 18.99 1.19 3.08
CA VAL A 257 18.46 2.57 2.85
C VAL A 257 17.04 2.84 3.40
N ILE A 258 16.91 3.89 4.18
CA ILE A 258 15.60 4.33 4.67
C ILE A 258 15.32 5.75 4.14
N GLY A 259 14.26 5.87 3.34
CA GLY A 259 13.67 7.16 3.04
C GLY A 259 12.73 7.59 4.17
N MET A 260 12.93 8.81 4.68
CA MET A 260 12.02 9.36 5.70
C MET A 260 11.67 10.85 5.49
N GLY A 261 10.46 11.18 5.91
CA GLY A 261 9.91 12.51 5.76
C GLY A 261 8.47 12.53 6.25
N THR A 262 7.89 13.71 6.16
CA THR A 262 6.57 13.94 6.70
C THR A 262 5.61 14.17 5.51
N THR A 263 6.19 14.58 4.40
CA THR A 263 5.46 15.06 3.24
C THR A 263 6.07 14.43 1.97
N PRO A 264 5.30 14.39 0.85
CA PRO A 264 5.76 13.81 -0.42
C PRO A 264 7.04 14.32 -1.13
N GLU A 265 7.80 15.26 -0.54
CA GLU A 265 8.97 15.79 -1.26
C GLU A 265 10.10 14.77 -1.41
N VAL A 266 10.43 14.52 -2.69
CA VAL A 266 11.21 13.37 -3.17
C VAL A 266 12.72 13.66 -3.37
N HIS A 267 13.48 12.65 -3.81
CA HIS A 267 14.94 12.75 -3.95
C HIS A 267 15.49 11.90 -5.11
N SER A 268 16.72 12.18 -5.53
CA SER A 268 17.46 11.35 -6.49
C SER A 268 18.92 11.33 -5.94
N ILE A 269 19.29 10.28 -5.20
CA ILE A 269 20.65 10.18 -4.62
C ILE A 269 21.62 9.54 -5.61
N PHE A 270 22.82 10.14 -5.76
CA PHE A 270 23.92 9.54 -6.53
C PHE A 270 25.15 9.37 -5.65
N LEU A 271 26.00 8.39 -5.95
CA LEU A 271 27.29 8.33 -5.27
C LEU A 271 28.35 8.48 -6.29
N GLU A 272 29.12 9.56 -6.19
CA GLU A 272 30.25 9.87 -7.09
C GLU A 272 30.93 8.66 -7.75
N GLY A 273 30.97 8.68 -9.08
CA GLY A 273 31.64 7.65 -9.87
C GLY A 273 30.85 6.37 -9.87
N HIS A 274 30.41 6.00 -8.68
CA HIS A 274 29.86 4.69 -8.40
C HIS A 274 28.35 4.49 -8.63
N THR A 275 27.99 3.36 -9.25
CA THR A 275 26.60 2.92 -9.56
C THR A 275 26.02 2.03 -8.43
N PHE A 276 24.73 1.72 -8.47
CA PHE A 276 24.15 0.84 -7.43
C PHE A 276 23.56 -0.47 -7.92
N LEU A 277 23.22 -1.29 -6.93
CA LEU A 277 22.41 -2.45 -7.16
C LEU A 277 21.24 -2.51 -6.20
N VAL A 278 20.06 -2.39 -6.80
CA VAL A 278 18.82 -2.67 -6.13
C VAL A 278 18.31 -3.96 -6.78
N ARG A 279 17.38 -4.62 -6.09
CA ARG A 279 16.75 -5.80 -6.60
C ARG A 279 17.86 -6.57 -7.30
N ASN A 280 18.03 -6.38 -8.59
CA ASN A 280 19.26 -6.78 -9.21
C ASN A 280 19.65 -5.94 -10.42
N HIS A 281 19.12 -4.72 -10.49
CA HIS A 281 19.35 -3.88 -11.64
C HIS A 281 20.40 -2.85 -11.32
N ARG A 282 21.28 -2.64 -12.29
CA ARG A 282 22.10 -1.47 -12.33
C ARG A 282 21.15 -0.27 -12.27
N GLN A 283 21.21 0.48 -11.18
CA GLN A 283 20.49 1.74 -11.10
C GLN A 283 21.63 2.68 -10.81
N ALA A 284 21.73 3.83 -11.48
CA ALA A 284 22.90 4.66 -11.17
C ALA A 284 22.56 5.76 -10.17
N SER A 285 21.26 6.01 -10.01
CA SER A 285 20.73 6.82 -8.91
C SER A 285 20.05 5.85 -7.97
N LEU A 286 20.01 6.15 -6.68
CA LEU A 286 18.97 5.55 -5.84
C LEU A 286 17.91 6.61 -6.01
N GLU A 287 16.66 6.20 -6.01
CA GLU A 287 15.63 7.22 -6.14
C GLU A 287 14.72 7.16 -4.91
N ILE A 288 15.00 8.02 -3.94
CA ILE A 288 14.33 7.92 -2.66
C ILE A 288 13.01 8.68 -2.63
N SER A 289 11.94 7.96 -2.31
CA SER A 289 10.62 8.55 -2.22
C SER A 289 10.22 8.86 -0.77
N PRO A 290 9.05 9.51 -0.60
CA PRO A 290 8.31 9.68 0.63
C PRO A 290 8.75 8.79 1.75
N ILE A 291 8.38 7.51 1.75
CA ILE A 291 8.92 6.62 2.81
C ILE A 291 9.34 5.22 2.33
N THR A 292 10.62 5.07 2.02
CA THR A 292 11.09 3.99 1.17
C THR A 292 12.19 3.16 1.79
N PHE A 293 11.88 1.88 2.09
CA PHE A 293 12.91 0.95 2.54
C PHE A 293 13.31 0.08 1.38
N LEU A 294 14.56 0.25 1.01
CA LEU A 294 15.18 -0.54 -0.03
C LEU A 294 16.56 -0.90 0.49
N THR A 295 17.17 -1.88 -0.14
CA THR A 295 18.45 -2.34 0.35
C THR A 295 19.40 -2.55 -0.85
N ALA A 296 20.54 -1.84 -0.82
CA ALA A 296 21.36 -1.67 -2.02
C ALA A 296 22.88 -1.80 -1.88
N GLN A 297 23.47 -2.27 -2.97
CA GLN A 297 24.89 -2.60 -3.08
C GLN A 297 25.74 -1.65 -3.96
N THR A 298 27.00 -1.43 -3.58
CA THR A 298 27.85 -0.50 -4.32
C THR A 298 29.04 -1.15 -5.00
N LEU A 299 29.85 -1.94 -4.28
CA LEU A 299 31.15 -2.36 -4.87
C LEU A 299 32.08 -1.22 -5.35
N LEU A 300 33.05 -0.86 -4.50
CA LEU A 300 33.89 0.33 -4.76
C LEU A 300 35.24 -0.10 -5.21
N MET A 301 35.49 -0.05 -6.51
CA MET A 301 36.87 -0.03 -6.94
C MET A 301 37.32 1.38 -6.74
N ASP A 302 38.65 1.54 -6.84
CA ASP A 302 39.29 2.84 -6.76
C ASP A 302 39.28 3.47 -5.35
N LEU A 303 40.48 3.76 -4.86
CA LEU A 303 40.65 4.40 -3.57
C LEU A 303 40.27 5.86 -3.65
N GLY A 304 39.72 6.41 -2.58
CA GLY A 304 39.50 7.85 -2.51
C GLY A 304 38.35 8.25 -1.63
N GLN A 305 37.88 9.49 -1.84
CA GLN A 305 36.71 10.04 -1.16
C GLN A 305 35.68 10.33 -2.19
N PHE A 306 34.43 10.07 -1.85
CA PHE A 306 33.34 10.19 -2.80
C PHE A 306 32.12 10.75 -2.10
N LEU A 307 31.54 11.77 -2.72
CA LEU A 307 30.30 12.34 -2.24
C LEU A 307 29.13 11.48 -2.66
N LEU A 308 28.23 11.19 -1.74
CA LEU A 308 26.89 10.86 -2.19
C LEU A 308 25.96 11.95 -1.67
N PHE A 309 24.83 12.11 -2.34
CA PHE A 309 24.00 13.33 -2.21
C PHE A 309 22.74 13.23 -3.06
N CYS A 310 22.05 14.35 -3.19
CA CYS A 310 20.78 14.35 -3.88
C CYS A 310 20.82 15.34 -5.06
N HIS A 311 20.65 14.83 -6.28
CA HIS A 311 20.85 15.62 -7.52
C HIS A 311 19.83 16.72 -7.74
N ILE A 312 18.61 16.50 -7.29
CA ILE A 312 17.49 17.39 -7.57
C ILE A 312 17.82 18.84 -7.20
N SER A 313 17.25 19.79 -7.94
CA SER A 313 17.65 21.22 -7.95
C SER A 313 17.61 22.06 -6.64
N SER A 314 16.43 22.19 -6.04
CA SER A 314 16.26 23.11 -4.92
C SER A 314 16.76 22.56 -3.57
N HIS A 315 17.23 21.31 -3.60
CA HIS A 315 17.80 20.67 -2.42
C HIS A 315 19.31 20.89 -2.35
N GLN A 316 19.88 21.40 -3.45
CA GLN A 316 21.32 21.59 -3.60
C GLN A 316 22.00 22.14 -2.34
N HIS A 317 21.47 23.23 -1.80
CA HIS A 317 22.04 23.80 -0.61
C HIS A 317 21.49 23.16 0.62
N ASP A 318 20.24 22.73 0.57
CA ASP A 318 19.61 22.06 1.70
C ASP A 318 20.47 20.91 2.31
N GLY A 319 21.57 20.58 1.63
CA GLY A 319 22.70 19.86 2.22
C GLY A 319 22.41 18.47 2.73
N MET A 320 21.67 17.71 1.94
CA MET A 320 21.63 16.27 2.15
C MET A 320 22.71 15.64 1.26
N GLU A 321 23.79 15.24 1.95
CA GLU A 321 25.03 14.74 1.36
C GLU A 321 26.07 14.48 2.44
N ALA A 322 26.89 13.47 2.24
CA ALA A 322 28.15 13.33 2.96
C ALA A 322 29.12 12.47 2.14
N TYR A 323 30.35 12.40 2.65
CA TYR A 323 31.45 11.72 1.97
C TYR A 323 31.55 10.21 2.36
N VAL A 324 31.83 9.35 1.38
CA VAL A 324 32.23 7.94 1.61
C VAL A 324 33.66 7.76 1.20
N LYS A 325 34.50 7.23 2.07
CA LYS A 325 35.87 6.99 1.64
C LYS A 325 36.15 5.50 1.42
N VAL A 326 37.29 5.18 0.82
CA VAL A 326 37.57 3.80 0.44
C VAL A 326 39.08 3.54 0.32
N ASP A 327 39.81 3.36 1.43
CA ASP A 327 41.21 2.94 1.31
C ASP A 327 41.34 1.43 1.60
N SER A 328 42.48 0.82 1.27
CA SER A 328 42.68 -0.64 1.32
C SER A 328 42.75 -1.22 2.73
N CYS A 329 41.83 -2.11 3.04
CA CYS A 329 41.91 -2.83 4.31
C CYS A 329 42.96 -3.90 4.14
N PRO A 330 43.63 -4.26 5.22
CA PRO A 330 44.36 -5.51 5.11
C PRO A 330 43.36 -6.65 5.36
N GLU A 331 43.64 -7.83 4.78
CA GLU A 331 42.75 -9.02 4.77
C GLU A 331 43.16 -10.14 5.76
N GLU A 332 44.45 -10.44 5.81
CA GLU A 332 45.07 -11.34 6.79
C GLU A 332 46.46 -10.78 7.14
N PRO A 333 46.51 -9.76 8.03
CA PRO A 333 47.76 -8.99 8.21
C PRO A 333 48.76 -9.68 9.10
N LYS A 377 32.83 -10.81 -32.61
CA LYS A 377 32.81 -11.23 -31.20
C LYS A 377 33.73 -10.35 -30.32
N HIS A 378 34.96 -10.13 -30.81
CA HIS A 378 35.98 -9.24 -30.22
C HIS A 378 35.53 -7.81 -30.32
N PRO A 379 35.53 -7.06 -29.20
CA PRO A 379 34.89 -5.74 -29.03
C PRO A 379 35.30 -4.69 -30.06
N LYS A 380 34.46 -3.70 -30.30
CA LYS A 380 34.77 -2.71 -31.34
C LYS A 380 35.23 -1.39 -30.74
N THR A 381 35.91 -0.59 -31.58
CA THR A 381 36.15 0.81 -31.27
C THR A 381 35.18 1.78 -32.01
N TRP A 382 34.16 2.21 -31.27
CA TRP A 382 33.14 3.07 -31.80
C TRP A 382 33.65 4.51 -31.91
N VAL A 383 33.76 5.02 -33.14
CA VAL A 383 34.33 6.37 -33.33
C VAL A 383 33.40 7.42 -33.91
N HIS A 384 33.20 8.53 -33.18
CA HIS A 384 32.47 9.67 -33.76
C HIS A 384 33.23 10.97 -33.58
N TYR A 385 33.09 11.83 -34.60
CA TYR A 385 33.45 13.24 -34.51
C TYR A 385 32.20 14.10 -34.30
N ILE A 386 32.16 14.76 -33.15
CA ILE A 386 31.00 15.50 -32.68
C ILE A 386 31.42 16.94 -32.47
N ALA A 387 30.47 17.84 -32.70
CA ALA A 387 30.70 19.30 -32.55
C ALA A 387 29.67 20.01 -31.70
N ALA A 388 30.10 21.06 -30.98
CA ALA A 388 29.16 21.99 -30.39
C ALA A 388 28.93 23.00 -31.50
N GLU A 389 27.67 23.41 -31.67
CA GLU A 389 27.18 24.04 -32.90
C GLU A 389 26.08 25.00 -32.60
N GLU A 390 26.24 26.27 -32.97
CA GLU A 390 25.16 27.24 -32.79
C GLU A 390 24.21 27.31 -34.00
N GLU A 391 23.11 26.58 -33.89
CA GLU A 391 22.03 26.61 -34.85
C GLU A 391 20.92 27.47 -34.20
N ASP A 392 19.94 27.91 -34.99
CA ASP A 392 18.71 28.42 -34.39
C ASP A 392 17.78 27.23 -34.26
N TRP A 393 16.79 27.31 -33.38
CA TRP A 393 15.88 26.17 -33.19
C TRP A 393 14.41 26.56 -33.25
N ASP A 394 13.60 25.70 -33.87
CA ASP A 394 12.15 25.89 -33.84
C ASP A 394 11.44 24.82 -33.02
N TYR A 395 10.93 25.23 -31.85
CA TYR A 395 10.30 24.32 -30.89
C TYR A 395 8.94 23.77 -31.38
N ALA A 396 8.25 24.54 -32.21
CA ALA A 396 6.99 24.06 -32.76
C ALA A 396 6.93 24.34 -34.25
N PRO A 397 7.53 23.45 -35.06
CA PRO A 397 7.67 23.56 -36.51
C PRO A 397 6.39 23.94 -37.23
N LEU A 398 5.91 23.07 -38.10
CA LEU A 398 4.88 23.49 -39.03
C LEU A 398 3.65 24.12 -38.34
N VAL A 399 3.46 23.87 -37.03
CA VAL A 399 2.16 24.20 -36.40
C VAL A 399 2.02 25.55 -35.64
N LEU A 400 1.23 26.44 -36.27
CA LEU A 400 0.73 27.70 -35.68
C LEU A 400 -0.68 27.49 -35.13
N ALA A 401 -1.02 28.31 -34.15
CA ALA A 401 -2.39 28.39 -33.67
C ALA A 401 -2.75 29.87 -33.53
N PRO A 402 -2.64 30.62 -34.64
CA PRO A 402 -2.69 32.09 -34.67
C PRO A 402 -3.64 32.75 -33.67
N ASP A 403 -3.51 34.08 -33.56
CA ASP A 403 -4.16 34.92 -32.53
C ASP A 403 -3.67 34.61 -31.12
N ASP A 404 -3.39 35.68 -30.37
CA ASP A 404 -3.02 35.59 -28.95
C ASP A 404 -4.25 35.20 -28.13
N ARG A 405 -5.28 34.78 -28.86
CA ARG A 405 -6.41 34.06 -28.33
C ARG A 405 -5.97 33.08 -27.25
N SER A 406 -5.09 32.15 -27.64
CA SER A 406 -4.84 30.87 -26.96
C SER A 406 -4.12 30.95 -25.61
N TYR A 407 -3.59 29.82 -25.21
CA TYR A 407 -2.68 29.73 -24.09
C TYR A 407 -1.35 29.17 -24.65
N LYS A 408 -1.42 28.58 -25.85
CA LYS A 408 -0.23 28.18 -26.61
C LYS A 408 0.34 29.35 -27.39
N SER A 409 -0.53 30.08 -28.08
CA SER A 409 -0.17 31.36 -28.67
C SER A 409 0.12 32.26 -27.49
N GLN A 410 1.39 32.36 -27.13
CA GLN A 410 1.78 32.86 -25.83
C GLN A 410 3.10 32.24 -25.45
N TYR A 411 3.33 30.99 -25.89
CA TYR A 411 4.63 30.28 -25.81
C TYR A 411 5.34 30.41 -27.17
N LEU A 412 4.51 30.31 -28.21
CA LEU A 412 4.85 30.40 -29.64
C LEU A 412 4.61 31.81 -30.25
N ASN A 413 3.46 31.98 -30.92
CA ASN A 413 3.06 33.23 -31.57
C ASN A 413 3.72 34.45 -30.94
N ASN A 414 4.87 34.85 -31.50
CA ASN A 414 5.70 35.97 -31.03
C ASN A 414 4.99 37.33 -30.88
N GLY A 415 5.27 38.03 -29.76
CA GLY A 415 4.52 39.23 -29.34
C GLY A 415 5.28 40.45 -28.82
N PRO A 416 4.56 41.44 -28.23
CA PRO A 416 5.11 42.77 -27.94
C PRO A 416 6.24 42.68 -26.94
N GLN A 417 6.24 41.57 -26.20
CA GLN A 417 7.29 41.23 -25.25
C GLN A 417 7.29 39.72 -25.02
N ARG A 418 7.33 38.95 -26.10
CA ARG A 418 7.51 37.50 -25.98
C ARG A 418 8.25 36.90 -27.21
N ILE A 419 9.54 36.62 -27.06
CA ILE A 419 10.36 35.98 -28.10
C ILE A 419 9.57 34.90 -28.82
N GLY A 420 9.11 33.91 -28.03
CA GLY A 420 8.29 32.78 -28.49
C GLY A 420 8.85 31.91 -29.62
N ARG A 421 8.47 30.62 -29.60
CA ARG A 421 8.67 29.66 -30.71
C ARG A 421 10.11 29.37 -31.18
N LYS A 422 10.89 30.41 -31.44
CA LYS A 422 12.19 30.27 -32.11
C LYS A 422 13.30 30.96 -31.31
N TYR A 423 14.32 30.18 -30.93
CA TYR A 423 15.39 30.69 -30.07
C TYR A 423 16.76 30.24 -30.64
N LYS A 424 17.84 30.94 -30.29
CA LYS A 424 19.19 30.50 -30.67
C LYS A 424 19.72 29.58 -29.59
N LYS A 425 20.06 28.35 -29.99
CA LYS A 425 20.57 27.34 -29.05
C LYS A 425 21.89 26.77 -29.56
N VAL A 426 22.48 25.86 -28.78
CA VAL A 426 23.75 25.24 -29.15
C VAL A 426 23.67 23.74 -28.94
N ARG A 427 23.48 22.97 -30.01
CA ARG A 427 23.36 21.50 -29.88
C ARG A 427 24.67 20.82 -30.24
N PHE A 428 24.74 19.53 -29.96
CA PHE A 428 25.76 18.72 -30.55
C PHE A 428 25.32 18.30 -31.95
N MET A 429 26.08 18.68 -32.98
CA MET A 429 25.90 18.08 -34.30
C MET A 429 27.06 17.11 -34.65
N ALA A 430 26.74 16.07 -35.42
CA ALA A 430 27.74 15.03 -35.74
C ALA A 430 28.33 15.16 -37.16
N TYR A 431 29.65 15.37 -37.27
CA TYR A 431 30.30 15.52 -38.59
C TYR A 431 30.91 14.24 -39.12
N THR A 432 31.45 14.28 -40.34
CA THR A 432 32.00 13.09 -41.00
C THR A 432 33.45 12.73 -40.75
N ASP A 433 34.34 13.68 -40.56
CA ASP A 433 35.76 13.33 -40.41
C ASP A 433 36.54 14.29 -39.50
N GLU A 434 37.86 14.12 -39.44
CA GLU A 434 38.74 15.05 -38.71
C GLU A 434 38.38 16.54 -38.94
N THR A 435 38.29 16.98 -40.20
CA THR A 435 37.77 18.32 -40.49
C THR A 435 36.29 18.38 -40.22
N PHE A 436 35.80 19.57 -39.94
CA PHE A 436 34.40 19.68 -39.73
C PHE A 436 33.77 20.59 -40.79
N LYS A 437 33.59 20.08 -42.00
CA LYS A 437 32.39 20.51 -42.71
C LYS A 437 31.67 19.33 -43.35
N THR A 438 30.34 19.39 -43.25
CA THR A 438 29.40 18.36 -43.71
C THR A 438 29.16 17.18 -42.71
N ARG A 439 27.87 16.84 -42.51
CA ARG A 439 27.38 15.84 -41.54
C ARG A 439 26.24 14.94 -42.07
N GLU A 440 25.76 13.99 -41.26
CA GLU A 440 24.62 13.10 -41.59
C GLU A 440 23.33 13.82 -41.21
N ALA A 441 22.19 13.45 -41.84
CA ALA A 441 20.95 14.30 -41.87
C ALA A 441 20.11 14.51 -40.56
N ILE A 442 19.62 15.74 -40.40
CA ILE A 442 18.90 16.20 -39.20
C ILE A 442 17.72 15.24 -38.90
N GLN A 443 17.24 15.20 -37.65
CA GLN A 443 16.25 14.21 -37.19
C GLN A 443 14.85 14.72 -36.89
N HIS A 444 13.92 14.62 -37.85
CA HIS A 444 12.57 15.03 -37.51
C HIS A 444 12.19 14.14 -36.34
N GLU A 445 12.55 12.86 -36.46
CA GLU A 445 12.33 11.89 -35.38
C GLU A 445 12.96 12.36 -34.05
N SER A 446 14.28 12.32 -33.92
CA SER A 446 14.95 12.73 -32.66
C SER A 446 15.50 14.16 -32.71
N GLY A 447 14.59 15.12 -32.52
CA GLY A 447 14.85 16.54 -32.75
C GLY A 447 16.14 17.22 -32.37
N ILE A 448 16.14 17.88 -31.21
CA ILE A 448 17.27 18.70 -30.74
C ILE A 448 18.53 17.91 -30.33
N LEU A 449 18.30 16.64 -29.98
CA LEU A 449 19.33 15.75 -29.46
C LEU A 449 20.49 15.66 -30.41
N GLY A 450 21.70 15.65 -29.85
CA GLY A 450 22.90 15.26 -30.60
C GLY A 450 22.82 13.79 -30.99
N PRO A 451 23.80 13.29 -31.75
CA PRO A 451 23.85 11.94 -32.31
C PRO A 451 23.83 10.80 -31.28
N LEU A 452 23.46 9.59 -31.74
CA LEU A 452 23.22 8.48 -30.81
C LEU A 452 24.47 7.71 -30.49
N LEU A 453 25.01 7.89 -29.29
CA LEU A 453 26.22 7.13 -28.96
C LEU A 453 25.88 5.76 -28.43
N TYR A 454 26.51 4.73 -28.96
CA TYR A 454 26.20 3.40 -28.53
C TYR A 454 27.53 2.74 -28.26
N GLY A 455 27.52 1.73 -27.39
CA GLY A 455 28.66 0.84 -27.24
C GLY A 455 28.38 -0.28 -26.25
N GLU A 456 28.74 -1.49 -26.66
CA GLU A 456 28.59 -2.71 -25.86
C GLU A 456 29.69 -2.83 -24.81
N VAL A 457 29.46 -3.56 -23.69
CA VAL A 457 30.56 -3.80 -22.72
C VAL A 457 31.79 -4.31 -23.47
N GLY A 458 32.97 -3.89 -23.01
CA GLY A 458 34.25 -4.23 -23.67
C GLY A 458 34.68 -3.21 -24.67
N ASP A 459 33.70 -2.78 -25.50
CA ASP A 459 33.77 -1.70 -26.53
C ASP A 459 34.28 -0.39 -26.01
N THR A 460 34.84 0.40 -26.91
CA THR A 460 35.41 1.64 -26.52
C THR A 460 34.91 2.72 -27.43
N LEU A 461 34.32 3.78 -26.89
CA LEU A 461 33.99 4.95 -27.72
C LEU A 461 35.19 5.87 -27.88
N LEU A 462 35.10 6.74 -28.88
CA LEU A 462 36.24 7.51 -29.31
C LEU A 462 35.83 8.85 -29.87
N ILE A 463 35.73 9.79 -28.95
CA ILE A 463 34.98 10.99 -29.19
C ILE A 463 35.94 12.10 -29.50
N ILE A 464 36.09 12.40 -30.79
CA ILE A 464 36.76 13.62 -31.17
C ILE A 464 35.76 14.76 -31.31
N PHE A 465 35.89 15.72 -30.40
CA PHE A 465 34.93 16.76 -30.22
C PHE A 465 35.56 18.06 -30.58
N LYS A 466 34.90 18.81 -31.46
CA LYS A 466 35.33 20.18 -31.76
C LYS A 466 34.29 21.09 -31.20
N ASN A 467 34.70 22.27 -30.76
CA ASN A 467 33.74 23.28 -30.39
C ASN A 467 33.70 24.39 -31.40
N GLN A 468 32.64 24.44 -32.20
CA GLN A 468 32.41 25.62 -33.00
C GLN A 468 31.23 26.37 -32.38
N ALA A 469 31.52 27.51 -31.75
CA ALA A 469 30.56 28.22 -30.87
C ALA A 469 31.32 29.09 -29.86
N SER A 470 30.65 30.07 -29.25
CA SER A 470 31.39 31.11 -28.48
C SER A 470 31.81 30.82 -27.02
N ARG A 471 31.23 29.82 -26.38
CA ARG A 471 31.62 29.50 -25.01
C ARG A 471 32.38 28.19 -24.91
N PRO A 472 33.41 28.17 -24.07
CA PRO A 472 33.96 26.90 -23.60
C PRO A 472 32.86 25.87 -23.25
N TYR A 473 32.70 24.83 -24.08
CA TYR A 473 31.81 23.70 -23.75
C TYR A 473 32.61 22.41 -23.76
N ASN A 474 32.01 21.29 -23.32
CA ASN A 474 32.66 19.96 -23.47
C ASN A 474 31.76 18.73 -23.58
N ILE A 475 32.33 17.54 -23.73
CA ILE A 475 31.55 16.32 -23.50
C ILE A 475 32.04 15.32 -22.46
N TYR A 476 31.19 15.14 -21.47
CA TYR A 476 31.22 13.97 -20.62
C TYR A 476 29.93 13.15 -20.72
N PRO A 477 30.04 11.82 -20.59
CA PRO A 477 28.85 11.05 -20.52
C PRO A 477 28.66 10.53 -19.11
N HIS A 478 27.42 10.54 -18.65
CA HIS A 478 27.08 9.89 -17.40
C HIS A 478 26.60 8.43 -17.68
N GLY A 479 27.13 7.50 -16.89
CA GLY A 479 26.81 6.07 -16.98
C GLY A 479 28.09 5.28 -17.00
N ILE A 480 28.99 5.77 -17.87
CA ILE A 480 30.38 5.31 -18.02
C ILE A 480 31.35 5.98 -17.04
N THR A 481 32.47 5.30 -16.82
CA THR A 481 33.33 5.52 -15.70
C THR A 481 34.77 5.69 -16.15
N ASP A 482 35.13 5.12 -17.30
CA ASP A 482 36.50 5.22 -17.83
C ASP A 482 36.56 6.31 -18.91
N VAL A 483 36.81 7.56 -18.50
CA VAL A 483 36.95 8.69 -19.45
C VAL A 483 38.24 9.50 -19.26
N ARG A 484 39.18 9.21 -20.16
CA ARG A 484 40.48 9.85 -20.16
C ARG A 484 40.68 10.40 -21.54
N PRO A 485 41.49 11.45 -21.64
CA PRO A 485 41.93 11.96 -22.92
C PRO A 485 42.65 10.82 -23.61
N LEU A 486 42.81 10.87 -24.94
CA LEU A 486 43.11 9.65 -25.70
C LEU A 486 44.44 8.91 -25.40
N TYR A 487 45.53 9.64 -25.33
CA TYR A 487 46.79 8.92 -25.31
C TYR A 487 47.51 8.82 -23.97
N SER A 488 47.03 9.57 -22.99
CA SER A 488 47.63 9.58 -21.64
C SER A 488 46.47 9.56 -20.66
N ARG A 489 46.80 9.44 -19.38
CA ARG A 489 45.84 9.92 -18.42
C ARG A 489 46.26 11.35 -18.09
N ARG A 490 46.90 11.60 -16.95
CA ARG A 490 47.29 12.96 -16.53
C ARG A 490 46.47 14.08 -17.21
N LEU A 491 45.31 14.42 -16.65
CA LEU A 491 44.34 15.31 -17.31
C LEU A 491 44.91 16.70 -17.50
N PRO A 492 44.89 17.21 -18.74
CA PRO A 492 45.71 18.39 -18.99
C PRO A 492 45.52 19.60 -18.09
N LYS A 493 46.57 20.42 -18.11
CA LYS A 493 46.73 21.68 -17.39
C LYS A 493 46.49 21.55 -15.89
N GLY A 494 45.50 22.28 -15.38
CA GLY A 494 45.31 22.45 -13.95
C GLY A 494 44.35 21.47 -13.32
N VAL A 495 43.29 21.11 -14.06
CA VAL A 495 42.04 20.52 -13.53
C VAL A 495 42.04 19.13 -12.93
N LYS A 496 41.54 19.04 -11.69
CA LYS A 496 41.65 17.80 -10.94
C LYS A 496 40.62 16.80 -11.40
N HIS A 497 39.73 17.20 -12.31
CA HIS A 497 38.87 16.25 -13.04
C HIS A 497 38.30 16.82 -14.34
N LEU A 498 38.16 15.91 -15.30
CA LEU A 498 38.00 16.19 -16.72
C LEU A 498 36.65 16.79 -17.12
N LYS A 499 35.65 16.53 -16.28
CA LYS A 499 34.27 17.02 -16.44
C LYS A 499 34.25 18.54 -16.42
N ASP A 500 35.21 19.11 -15.70
CA ASP A 500 35.31 20.55 -15.51
C ASP A 500 36.19 21.19 -16.55
N PHE A 501 37.07 20.41 -17.18
CA PHE A 501 37.98 20.92 -18.22
C PHE A 501 37.25 21.26 -19.53
N PRO A 502 37.22 22.60 -19.87
CA PRO A 502 36.51 23.26 -20.98
C PRO A 502 37.28 23.37 -22.29
N ILE A 503 36.58 23.09 -23.38
CA ILE A 503 37.18 23.08 -24.71
C ILE A 503 36.98 24.45 -25.30
N LEU A 504 38.08 25.14 -25.54
CA LEU A 504 37.99 26.53 -25.97
C LEU A 504 37.35 26.67 -27.36
N PRO A 505 36.63 27.80 -27.61
CA PRO A 505 36.00 28.01 -28.91
C PRO A 505 37.04 27.83 -29.99
N GLY A 506 36.88 26.75 -30.75
CA GLY A 506 37.73 26.51 -31.92
C GLY A 506 38.76 25.42 -31.80
N GLU A 507 38.85 24.80 -30.62
CA GLU A 507 39.79 23.70 -30.39
C GLU A 507 39.08 22.36 -30.51
N ILE A 508 39.86 21.31 -30.75
CA ILE A 508 39.39 19.92 -30.83
C ILE A 508 39.98 19.12 -29.67
N PHE A 509 39.20 18.18 -29.11
CA PHE A 509 39.75 17.30 -28.11
C PHE A 509 39.36 15.85 -28.27
N LYS A 510 40.33 14.99 -28.02
CA LYS A 510 40.17 13.56 -28.20
C LYS A 510 40.05 12.78 -26.87
N TYR A 511 38.90 12.17 -26.72
CA TYR A 511 38.45 11.49 -25.54
C TYR A 511 38.29 9.96 -25.81
N LYS A 512 38.76 9.09 -24.91
CA LYS A 512 38.50 7.61 -24.95
C LYS A 512 37.50 7.27 -23.84
N TRP A 513 36.29 6.89 -24.25
CA TRP A 513 35.30 6.32 -23.34
C TRP A 513 35.33 4.80 -23.44
N THR A 514 36.07 4.16 -22.54
CA THR A 514 36.11 2.72 -22.58
C THR A 514 34.98 2.22 -21.69
N VAL A 515 34.34 1.12 -22.13
CA VAL A 515 33.16 0.50 -21.47
C VAL A 515 33.49 -0.82 -20.79
N THR A 516 32.87 -1.07 -19.64
CA THR A 516 33.20 -2.21 -18.79
C THR A 516 31.97 -2.81 -18.26
N VAL A 517 31.89 -4.14 -18.17
CA VAL A 517 30.65 -4.72 -17.63
C VAL A 517 30.16 -3.99 -16.38
N GLU A 518 31.08 -3.61 -15.51
CA GLU A 518 30.63 -3.11 -14.24
C GLU A 518 29.96 -1.72 -14.31
N ASP A 519 29.73 -1.16 -15.51
CA ASP A 519 28.84 0.03 -15.62
C ASP A 519 27.77 -0.17 -16.70
N GLY A 520 27.64 -1.42 -17.13
CA GLY A 520 26.64 -1.88 -18.09
C GLY A 520 25.66 -2.91 -17.50
N PRO A 521 24.61 -3.28 -18.29
CA PRO A 521 23.41 -3.94 -17.77
C PRO A 521 23.74 -5.31 -17.20
N THR A 522 22.92 -5.82 -16.29
CA THR A 522 23.05 -7.21 -15.85
C THR A 522 21.95 -8.05 -16.45
N LYS A 523 22.02 -9.34 -16.16
CA LYS A 523 21.08 -10.33 -16.67
C LYS A 523 19.65 -9.95 -16.38
N SER A 524 19.40 -9.38 -15.20
CA SER A 524 18.07 -8.88 -14.86
C SER A 524 17.72 -7.60 -15.63
N ASP A 525 18.77 -6.86 -16.00
CA ASP A 525 18.64 -5.52 -16.60
C ASP A 525 18.00 -5.55 -17.97
N PRO A 526 17.14 -4.56 -18.28
CA PRO A 526 16.62 -4.50 -19.62
C PRO A 526 17.85 -4.37 -20.51
N ARG A 527 18.28 -5.48 -21.10
CA ARG A 527 19.67 -5.61 -21.57
C ARG A 527 20.05 -4.63 -22.68
N CYS A 528 20.26 -3.38 -22.25
CA CYS A 528 20.45 -2.23 -23.14
C CYS A 528 20.01 -0.91 -22.48
N LEU A 529 20.67 -0.52 -21.39
CA LEU A 529 20.19 0.60 -20.56
C LEU A 529 20.40 1.95 -21.16
N THR A 530 19.38 2.79 -21.06
CA THR A 530 19.54 4.13 -21.58
C THR A 530 20.29 5.07 -20.59
N ARG A 531 20.94 6.09 -21.17
CA ARG A 531 21.77 7.09 -20.47
C ARG A 531 21.96 8.27 -21.43
N TYR A 532 22.79 9.25 -21.04
CA TYR A 532 22.95 10.48 -21.84
C TYR A 532 24.40 10.99 -21.79
N TYR A 533 24.69 12.03 -22.58
CA TYR A 533 25.96 12.80 -22.53
C TYR A 533 25.71 14.31 -22.62
N SER A 534 26.39 15.08 -21.75
CA SER A 534 26.30 16.56 -21.79
C SER A 534 27.62 17.34 -21.58
N SER A 535 27.46 18.66 -21.35
CA SER A 535 28.55 19.64 -21.19
C SER A 535 28.59 20.19 -19.79
N PHE A 536 29.60 19.80 -19.01
CA PHE A 536 29.67 20.15 -17.58
C PHE A 536 30.57 21.36 -17.27
N VAL A 537 30.51 22.35 -18.16
CA VAL A 537 31.18 23.62 -17.97
C VAL A 537 30.23 24.51 -17.19
N ASN A 538 28.93 24.22 -17.31
CA ASN A 538 27.88 24.84 -16.47
C ASN A 538 26.65 23.94 -16.44
N MET A 539 26.73 22.92 -15.58
CA MET A 539 25.87 21.72 -15.64
C MET A 539 24.56 21.80 -16.43
N GLU A 540 23.81 22.89 -16.22
CA GLU A 540 22.45 23.05 -16.77
C GLU A 540 22.26 24.20 -17.76
N ARG A 541 23.09 25.23 -17.69
CA ARG A 541 23.00 26.27 -18.70
C ARG A 541 23.35 25.59 -20.02
N ASP A 542 24.50 24.90 -20.01
CA ASP A 542 25.03 24.17 -21.16
C ASP A 542 24.09 23.08 -21.65
N LEU A 543 23.27 22.51 -20.75
CA LEU A 543 22.12 21.70 -21.17
C LEU A 543 20.97 22.60 -21.65
N ALA A 544 20.47 23.45 -20.76
CA ALA A 544 19.26 24.18 -21.05
C ALA A 544 19.53 25.16 -22.20
N SER A 545 20.80 25.30 -22.58
CA SER A 545 21.13 26.04 -23.80
C SER A 545 21.01 25.20 -25.10
N GLY A 546 21.07 23.88 -25.00
CA GLY A 546 20.86 22.96 -26.16
C GLY A 546 21.70 21.67 -26.23
N LEU A 547 22.69 21.60 -25.36
CA LEU A 547 23.62 20.49 -25.38
C LEU A 547 23.12 19.28 -24.59
N ILE A 548 22.28 18.47 -25.22
CA ILE A 548 22.35 17.03 -24.97
C ILE A 548 22.17 16.23 -26.23
N GLY A 549 22.34 14.92 -26.01
CA GLY A 549 22.05 13.80 -26.92
C GLY A 549 22.04 12.52 -26.08
N PRO A 550 21.73 11.36 -26.70
CA PRO A 550 21.56 10.11 -25.94
C PRO A 550 22.76 9.19 -26.01
N LEU A 551 22.88 8.35 -24.98
CA LEU A 551 23.92 7.30 -24.93
C LEU A 551 23.44 5.94 -24.44
N LEU A 552 23.66 4.92 -25.25
CA LEU A 552 23.25 3.57 -24.90
C LEU A 552 24.43 2.68 -24.54
N ILE A 553 24.48 2.24 -23.29
CA ILE A 553 25.43 1.21 -22.95
C ILE A 553 24.67 -0.09 -22.92
N CYS A 554 25.09 -1.05 -23.74
CA CYS A 554 24.28 -2.24 -23.89
C CYS A 554 25.10 -3.47 -23.72
N TYR A 555 24.41 -4.58 -23.49
CA TYR A 555 25.09 -5.81 -23.13
C TYR A 555 25.74 -6.47 -24.34
N LYS A 556 26.75 -7.32 -24.11
CA LYS A 556 27.57 -7.92 -25.19
C LYS A 556 26.88 -9.09 -25.96
N GLU A 557 25.57 -8.98 -26.18
CA GLU A 557 24.81 -10.03 -26.87
C GLU A 557 25.13 -10.05 -28.37
N ARG A 571 16.91 3.14 -34.07
CA ARG A 571 16.46 3.02 -32.66
C ARG A 571 15.67 4.26 -32.13
N ASN A 572 14.70 3.99 -31.26
CA ASN A 572 13.70 4.99 -30.84
C ASN A 572 13.95 5.78 -29.54
N VAL A 573 14.45 7.01 -29.68
CA VAL A 573 14.75 7.77 -28.47
C VAL A 573 13.78 8.91 -28.22
N ILE A 574 12.99 8.78 -27.14
CA ILE A 574 12.12 9.86 -26.64
C ILE A 574 12.84 10.56 -25.48
N LEU A 575 13.07 11.87 -25.62
CA LEU A 575 13.59 12.70 -24.52
C LEU A 575 12.59 13.77 -23.98
N PHE A 576 12.19 13.65 -22.71
CA PHE A 576 11.32 14.64 -22.12
C PHE A 576 12.09 15.78 -21.49
N SER A 577 12.26 16.86 -22.25
CA SER A 577 13.03 17.99 -21.73
C SER A 577 12.28 19.33 -21.66
N VAL A 578 12.33 19.93 -20.48
CA VAL A 578 12.02 21.35 -20.28
C VAL A 578 13.30 22.21 -20.48
N PHE A 579 13.28 23.04 -21.51
CA PHE A 579 14.37 23.97 -21.69
C PHE A 579 14.02 25.31 -21.11
N ASP A 580 14.81 25.74 -20.15
CA ASP A 580 14.59 27.07 -19.60
C ASP A 580 15.34 28.16 -20.38
N GLU A 581 14.76 28.60 -21.50
CA GLU A 581 15.36 29.66 -22.28
C GLU A 581 15.61 30.92 -21.47
N ASN A 582 14.89 31.06 -20.34
CA ASN A 582 15.11 32.11 -19.32
C ASN A 582 16.55 32.25 -18.84
N ARG A 583 17.25 31.12 -18.77
CA ARG A 583 18.72 31.12 -18.74
C ARG A 583 19.36 30.10 -19.70
N SER A 584 19.12 30.33 -20.99
CA SER A 584 20.09 29.97 -22.02
C SER A 584 21.27 30.91 -21.74
N TRP A 585 22.44 30.65 -22.31
CA TRP A 585 23.47 31.67 -22.29
C TRP A 585 23.10 32.70 -23.36
N TYR A 586 22.31 32.23 -24.32
CA TYR A 586 21.95 33.00 -25.48
C TYR A 586 20.74 33.88 -25.21
N LEU A 587 20.02 33.61 -24.12
CA LEU A 587 18.76 34.29 -23.80
C LEU A 587 18.80 35.72 -24.32
N THR A 588 19.84 36.36 -23.83
CA THR A 588 20.05 37.78 -24.00
C THR A 588 20.11 38.13 -25.49
N GLU A 589 20.91 37.34 -26.18
CA GLU A 589 21.13 37.52 -27.63
C GLU A 589 19.81 37.38 -28.37
N ASN A 590 19.05 36.36 -27.98
CA ASN A 590 17.75 36.07 -28.58
C ASN A 590 16.82 37.27 -28.43
N ILE A 591 16.82 37.80 -27.21
CA ILE A 591 15.99 38.96 -26.86
C ILE A 591 16.34 40.15 -27.75
N GLN A 592 17.63 40.46 -27.90
CA GLN A 592 18.02 41.60 -28.72
C GLN A 592 17.95 41.30 -30.22
N ARG A 593 16.92 40.57 -30.62
CA ARG A 593 16.82 40.06 -31.97
C ARG A 593 15.41 39.60 -32.27
N PHE A 594 14.60 39.43 -31.22
CA PHE A 594 13.26 38.87 -31.35
C PHE A 594 12.14 39.73 -30.76
N LEU A 595 12.42 40.99 -30.48
CA LEU A 595 11.56 41.76 -29.61
C LEU A 595 11.54 43.23 -29.99
N PRO A 596 10.35 43.87 -29.89
CA PRO A 596 10.23 45.33 -30.09
C PRO A 596 11.41 46.05 -29.44
N ASN A 597 12.21 46.75 -30.27
CA ASN A 597 13.55 47.21 -29.88
C ASN A 597 13.80 47.17 -28.36
N PRO A 598 14.45 46.10 -27.90
CA PRO A 598 14.46 45.50 -26.56
C PRO A 598 14.84 46.39 -25.36
N ALA A 599 14.26 47.60 -25.28
CA ALA A 599 14.52 48.51 -24.17
C ALA A 599 14.01 47.92 -22.83
N GLY A 600 12.71 48.06 -22.57
CA GLY A 600 12.06 47.58 -21.32
C GLY A 600 12.22 46.09 -21.11
N VAL A 601 13.40 45.72 -20.61
CA VAL A 601 13.85 44.33 -20.49
C VAL A 601 13.07 43.51 -19.42
N GLN A 602 13.53 43.51 -18.16
CA GLN A 602 12.98 42.70 -17.05
C GLN A 602 13.02 41.18 -17.28
N LEU A 603 14.14 40.56 -16.91
CA LEU A 603 14.31 39.09 -16.87
C LEU A 603 13.27 38.53 -15.93
N GLU A 604 13.29 39.01 -14.69
CA GLU A 604 12.24 38.72 -13.74
C GLU A 604 10.96 39.39 -14.25
N ASP A 605 9.89 38.60 -14.26
CA ASP A 605 8.56 39.06 -14.65
C ASP A 605 7.63 37.86 -14.57
N PRO A 606 6.64 37.94 -13.66
CA PRO A 606 5.62 36.92 -13.53
C PRO A 606 5.34 36.17 -14.87
N GLU A 607 4.39 36.65 -15.67
CA GLU A 607 3.93 35.95 -16.88
C GLU A 607 5.01 35.75 -17.96
N PHE A 608 5.72 36.82 -18.34
CA PHE A 608 6.68 36.73 -19.45
C PHE A 608 7.56 35.52 -19.29
N GLN A 609 8.13 35.35 -18.10
CA GLN A 609 9.08 34.29 -17.85
C GLN A 609 8.62 32.91 -18.39
N ALA A 610 7.32 32.63 -18.27
CA ALA A 610 6.72 31.44 -18.85
C ALA A 610 7.01 31.26 -20.36
N SER A 611 6.92 32.35 -21.13
CA SER A 611 7.08 32.36 -22.62
C SER A 611 8.31 31.63 -23.16
N ASN A 612 9.24 31.35 -22.25
CA ASN A 612 10.59 30.98 -22.59
C ASN A 612 10.93 29.66 -21.91
N ILE A 613 9.93 29.08 -21.28
CA ILE A 613 10.10 27.79 -20.67
C ILE A 613 9.40 26.78 -21.55
N MET A 614 10.19 26.17 -22.42
CA MET A 614 9.64 25.27 -23.40
C MET A 614 9.58 23.86 -22.88
N HIS A 615 8.37 23.34 -22.77
CA HIS A 615 8.13 21.98 -22.27
C HIS A 615 8.07 21.09 -23.51
N SER A 616 8.98 20.13 -23.61
CA SER A 616 9.24 19.46 -24.91
C SER A 616 9.59 17.98 -24.88
N ILE A 617 9.05 17.25 -25.85
CA ILE A 617 9.55 15.92 -26.20
C ILE A 617 10.53 16.15 -27.35
N ASN A 618 11.78 15.80 -27.12
CA ASN A 618 12.81 15.91 -28.14
C ASN A 618 12.97 17.32 -28.70
N GLY A 619 12.85 18.30 -27.82
CA GLY A 619 12.97 19.69 -28.23
C GLY A 619 11.80 20.18 -29.05
N TYR A 620 10.78 19.34 -29.24
CA TYR A 620 9.53 19.72 -29.93
C TYR A 620 8.42 19.95 -28.95
N VAL A 621 7.61 20.98 -29.19
CA VAL A 621 6.52 21.25 -28.29
C VAL A 621 5.23 21.06 -29.05
N PHE A 622 4.14 21.09 -28.29
CA PHE A 622 2.80 21.22 -28.82
C PHE A 622 2.52 20.31 -30.01
N ASP A 623 2.23 19.05 -29.70
CA ASP A 623 1.83 18.09 -30.70
C ASP A 623 2.51 18.39 -32.05
N SER A 624 3.76 18.82 -31.99
CA SER A 624 4.59 18.93 -33.16
C SER A 624 5.72 17.99 -32.88
N LEU A 625 6.18 17.31 -33.94
CA LEU A 625 6.87 16.00 -33.87
C LEU A 625 5.82 14.91 -33.84
N GLN A 626 5.80 14.13 -34.90
CA GLN A 626 5.03 12.92 -34.95
C GLN A 626 6.03 11.84 -35.30
N LEU A 627 5.69 10.60 -34.98
CA LEU A 627 6.49 9.46 -35.34
C LEU A 627 5.65 8.50 -36.16
N SER A 628 6.19 8.02 -37.27
CA SER A 628 5.56 6.89 -37.93
C SER A 628 6.22 5.59 -37.48
N VAL A 629 5.37 4.55 -37.32
CA VAL A 629 5.82 3.17 -37.22
C VAL A 629 4.87 2.23 -37.94
N CYS A 630 5.44 1.11 -38.41
CA CYS A 630 4.68 0.04 -39.04
C CYS A 630 3.94 -0.79 -38.01
N LEU A 631 2.62 -0.89 -38.09
CA LEU A 631 1.92 -1.74 -37.16
C LEU A 631 2.43 -3.17 -37.34
N HIS A 632 2.71 -3.81 -36.20
CA HIS A 632 3.41 -5.09 -36.10
C HIS A 632 4.92 -4.95 -35.89
N GLU A 633 5.55 -3.96 -36.53
CA GLU A 633 6.97 -3.69 -36.26
C GLU A 633 7.14 -3.38 -34.80
N VAL A 634 8.03 -4.13 -34.18
CA VAL A 634 8.24 -4.08 -32.77
C VAL A 634 9.51 -3.33 -32.43
N ALA A 635 9.50 -2.56 -31.33
CA ALA A 635 10.48 -1.51 -31.02
C ALA A 635 11.02 -1.47 -29.57
N TYR A 636 12.30 -1.14 -29.38
CA TYR A 636 12.81 -0.70 -28.05
C TYR A 636 12.80 0.83 -27.97
N TRP A 637 12.22 1.39 -26.92
CA TRP A 637 12.19 2.84 -26.74
C TRP A 637 13.00 3.33 -25.55
N TYR A 638 14.05 4.07 -25.84
CA TYR A 638 14.90 4.59 -24.81
C TYR A 638 14.41 5.97 -24.49
N ILE A 639 13.72 6.06 -23.37
CA ILE A 639 13.13 7.29 -22.89
C ILE A 639 13.95 7.82 -21.73
N LEU A 640 14.00 9.14 -21.60
CA LEU A 640 14.66 9.76 -20.47
C LEU A 640 14.18 11.19 -20.28
N SER A 641 13.86 11.53 -19.03
CA SER A 641 13.68 12.93 -18.68
C SER A 641 15.06 13.45 -18.32
N ILE A 642 15.34 14.66 -18.80
CA ILE A 642 16.67 15.24 -18.65
C ILE A 642 16.58 16.74 -18.87
N GLY A 643 17.09 17.48 -17.90
CA GLY A 643 16.94 18.93 -17.90
C GLY A 643 15.49 19.36 -17.79
N ALA A 644 14.58 18.38 -17.71
CA ALA A 644 13.14 18.65 -17.43
C ALA A 644 13.03 18.94 -15.95
N GLN A 645 13.47 20.13 -15.59
CA GLN A 645 13.69 20.57 -14.23
C GLN A 645 12.74 20.05 -13.09
N THR A 646 13.34 19.89 -11.90
CA THR A 646 12.69 19.59 -10.55
C THR A 646 11.83 18.35 -10.33
N ASP A 647 10.77 18.15 -11.11
CA ASP A 647 9.80 17.13 -10.77
C ASP A 647 10.02 15.71 -11.39
N PHE A 648 9.13 14.77 -11.10
CA PHE A 648 9.15 13.49 -11.81
C PHE A 648 8.17 13.50 -12.99
N LEU A 649 8.32 12.54 -13.88
CA LEU A 649 7.37 12.42 -14.97
C LEU A 649 6.53 11.16 -14.89
N SER A 650 5.45 11.10 -15.67
CA SER A 650 4.72 9.87 -15.83
C SER A 650 4.38 9.76 -17.31
N VAL A 651 5.31 9.22 -18.09
CA VAL A 651 5.14 9.13 -19.54
C VAL A 651 3.91 8.30 -20.03
N PHE A 652 3.41 8.61 -21.23
CA PHE A 652 2.05 8.24 -21.60
C PHE A 652 1.92 7.11 -22.62
N PHE A 653 1.97 7.42 -23.91
CA PHE A 653 1.70 6.46 -25.01
C PHE A 653 0.27 6.02 -25.06
N SER A 654 -0.56 6.80 -25.76
CA SER A 654 -2.03 6.61 -25.82
C SER A 654 -2.47 5.26 -26.38
N GLY A 655 -3.06 4.40 -25.53
CA GLY A 655 -3.57 3.09 -25.98
C GLY A 655 -2.47 2.04 -26.20
N TYR A 656 -1.42 2.13 -25.42
CA TYR A 656 -0.27 1.29 -25.61
C TYR A 656 0.35 0.69 -24.35
N THR A 657 0.75 -0.57 -24.43
CA THR A 657 1.40 -1.19 -23.30
C THR A 657 2.79 -1.63 -23.66
N PHE A 658 3.69 -1.24 -22.76
CA PHE A 658 5.12 -1.52 -22.90
C PHE A 658 5.73 -2.42 -21.81
N LYS A 659 6.74 -3.20 -22.20
CA LYS A 659 7.42 -4.10 -21.30
C LYS A 659 8.55 -3.30 -20.70
N HIS A 660 8.38 -2.98 -19.43
CA HIS A 660 9.43 -2.42 -18.58
C HIS A 660 9.98 -3.54 -17.70
N LYS A 661 11.24 -3.93 -17.95
CA LYS A 661 11.97 -4.96 -17.16
C LYS A 661 11.21 -6.31 -16.88
N MET A 662 11.11 -7.10 -17.95
CA MET A 662 10.20 -8.26 -18.10
C MET A 662 8.82 -8.24 -17.36
N VAL A 663 8.12 -7.11 -17.42
CA VAL A 663 6.72 -7.01 -17.00
C VAL A 663 5.99 -6.03 -17.89
N TYR A 664 4.67 -6.20 -18.01
CA TYR A 664 3.87 -5.32 -18.87
C TYR A 664 3.29 -4.09 -18.12
N GLU A 665 3.56 -2.86 -18.61
CA GLU A 665 3.11 -1.61 -17.95
C GLU A 665 2.24 -0.66 -18.81
N ASP A 666 1.81 0.41 -18.13
CA ASP A 666 0.66 1.25 -18.50
C ASP A 666 1.25 2.61 -18.64
N THR A 667 2.21 2.91 -17.75
CA THR A 667 2.74 4.26 -17.57
C THR A 667 4.02 4.31 -16.75
N LEU A 668 5.08 4.75 -17.39
CA LEU A 668 6.43 4.74 -16.82
C LEU A 668 6.70 6.02 -16.07
N THR A 669 7.49 5.89 -15.01
CA THR A 669 7.79 7.00 -14.09
C THR A 669 9.25 7.55 -14.11
N LEU A 670 9.41 8.82 -14.47
CA LEU A 670 10.73 9.39 -14.74
C LEU A 670 11.22 10.54 -13.87
N PHE A 671 12.05 10.14 -12.93
CA PHE A 671 12.77 11.04 -12.08
C PHE A 671 13.82 11.80 -12.87
N PRO A 672 14.02 13.08 -12.53
CA PRO A 672 15.16 13.87 -12.94
C PRO A 672 16.11 13.20 -13.89
N PHE A 673 17.25 12.73 -13.42
CA PHE A 673 18.26 12.35 -14.40
C PHE A 673 18.46 10.85 -14.50
N SER A 674 17.34 10.15 -14.36
CA SER A 674 17.22 8.77 -14.80
C SER A 674 16.73 8.71 -16.26
N GLY A 675 17.00 7.57 -16.90
CA GLY A 675 16.52 7.27 -18.23
C GLY A 675 16.20 5.80 -18.26
N GLU A 676 14.94 5.48 -18.51
CA GLU A 676 14.55 4.09 -18.54
C GLU A 676 14.16 3.60 -19.94
N THR A 677 14.44 2.33 -20.15
CA THR A 677 14.43 1.74 -21.48
C THR A 677 13.34 0.64 -21.61
N VAL A 678 12.40 0.84 -22.55
CA VAL A 678 11.13 0.02 -22.65
C VAL A 678 10.86 -0.70 -23.98
N PHE A 679 9.79 -1.48 -24.06
CA PHE A 679 9.60 -2.34 -25.22
C PHE A 679 8.18 -2.47 -25.81
N MET A 680 8.01 -2.03 -27.05
CA MET A 680 6.67 -1.89 -27.64
C MET A 680 6.26 -3.04 -28.51
N SER A 681 5.70 -4.08 -27.91
CA SER A 681 4.93 -5.01 -28.70
C SER A 681 3.89 -4.04 -29.27
N MET A 682 3.96 -3.79 -30.58
CA MET A 682 3.35 -2.57 -31.14
C MET A 682 2.45 -2.67 -32.38
N GLU A 683 1.39 -3.46 -32.26
CA GLU A 683 0.51 -3.75 -33.38
C GLU A 683 -0.85 -3.06 -33.29
N ASN A 684 -0.94 -1.96 -32.54
CA ASN A 684 -2.21 -1.22 -32.36
C ASN A 684 -2.31 0.13 -33.13
N PRO A 685 -3.09 0.17 -34.25
CA PRO A 685 -3.19 1.29 -35.21
C PRO A 685 -3.88 2.54 -34.69
N GLY A 686 -3.81 3.63 -35.45
CA GLY A 686 -4.48 4.91 -35.10
C GLY A 686 -3.52 6.03 -34.72
N LEU A 687 -4.05 7.21 -34.43
CA LEU A 687 -3.20 8.28 -33.91
C LEU A 687 -3.24 8.32 -32.42
N TRP A 688 -2.07 8.06 -31.86
CA TRP A 688 -1.95 8.00 -30.42
C TRP A 688 -1.10 9.15 -29.91
N ILE A 689 -1.67 9.84 -28.94
CA ILE A 689 -1.07 11.03 -28.37
C ILE A 689 -0.08 10.61 -27.28
N LEU A 690 1.21 10.57 -27.62
CA LEU A 690 2.25 10.25 -26.64
C LEU A 690 2.65 11.55 -25.96
N GLY A 691 2.23 11.68 -24.71
CA GLY A 691 2.57 12.83 -23.90
C GLY A 691 3.02 12.27 -22.59
N CYS A 692 2.54 12.87 -21.50
CA CYS A 692 2.72 12.30 -20.19
C CYS A 692 1.46 12.53 -19.42
N HIS A 693 1.02 11.52 -18.66
CA HIS A 693 -0.15 11.77 -17.83
C HIS A 693 0.14 12.49 -16.50
N ASN A 694 1.07 13.45 -16.63
CA ASN A 694 1.02 14.67 -15.85
C ASN A 694 0.14 15.54 -16.73
N SER A 695 -0.90 16.15 -16.17
CA SER A 695 -1.75 17.06 -16.98
C SER A 695 -1.56 18.55 -16.62
N ASP A 696 -0.73 18.79 -15.60
CA ASP A 696 -0.02 20.04 -15.45
C ASP A 696 0.68 20.40 -16.78
N PHE A 697 1.90 19.86 -16.99
CA PHE A 697 2.71 20.19 -18.18
C PHE A 697 1.91 20.10 -19.46
N ARG A 698 1.39 18.92 -19.77
CA ARG A 698 1.05 18.53 -21.16
C ARG A 698 0.07 19.41 -21.96
N ASN A 699 -0.20 20.62 -21.46
CA ASN A 699 -0.80 21.67 -22.29
C ASN A 699 -0.05 22.99 -22.09
N ARG A 700 1.22 22.86 -21.71
CA ARG A 700 2.21 23.94 -21.79
C ARG A 700 3.14 23.53 -22.95
N GLY A 701 2.56 22.80 -23.92
CA GLY A 701 3.30 21.98 -24.87
C GLY A 701 3.47 20.64 -24.18
N MET A 702 4.37 19.81 -24.68
CA MET A 702 4.78 18.54 -24.00
C MET A 702 3.92 17.34 -24.43
N THR A 703 3.62 17.28 -25.71
CA THR A 703 3.10 16.04 -26.26
C THR A 703 3.51 15.90 -27.70
N ALA A 704 3.50 14.65 -28.14
CA ALA A 704 3.74 14.30 -29.53
C ALA A 704 2.64 13.31 -29.96
N LEU A 705 2.56 13.03 -31.25
CA LEU A 705 1.61 12.05 -31.74
C LEU A 705 2.37 10.88 -32.38
N LEU A 706 1.76 9.70 -32.38
CA LEU A 706 2.41 8.49 -32.86
C LEU A 706 1.49 7.74 -33.82
N LYS A 707 1.82 7.74 -35.11
CA LYS A 707 0.99 7.02 -36.09
C LYS A 707 1.53 5.61 -36.32
N VAL A 708 0.61 4.65 -36.26
CA VAL A 708 0.93 3.24 -36.45
C VAL A 708 0.14 2.76 -37.67
N SER A 709 0.84 2.45 -38.76
CA SER A 709 0.18 1.93 -39.97
C SER A 709 1.00 1.02 -40.91
N SER A 710 0.31 0.29 -41.79
CA SER A 710 0.90 -0.77 -42.68
C SER A 710 1.88 -0.33 -43.78
N CYS A 711 3.06 -0.97 -43.82
CA CYS A 711 4.11 -0.65 -44.80
C CYS A 711 4.33 -1.78 -45.80
N ASP A 712 5.55 -1.84 -46.38
CA ASP A 712 5.90 -2.87 -47.37
C ASP A 712 7.39 -3.24 -47.53
N LYS A 713 8.17 -3.16 -46.43
CA LYS A 713 9.61 -3.53 -46.41
C LYS A 713 10.07 -4.34 -47.62
N LYS B 46 -13.38 -20.55 -25.28
CA LYS B 46 -13.18 -19.36 -24.38
C LYS B 46 -14.17 -18.21 -24.70
N LYS B 47 -14.45 -17.40 -23.69
CA LYS B 47 -15.67 -16.58 -23.61
C LYS B 47 -15.57 -15.11 -24.04
N THR B 48 -16.74 -14.51 -24.30
CA THR B 48 -16.93 -13.06 -24.42
C THR B 48 -17.51 -12.47 -23.12
N ARG B 49 -16.66 -11.93 -22.26
CA ARG B 49 -17.13 -11.13 -21.13
C ARG B 49 -17.84 -9.91 -21.71
N HIS B 50 -18.93 -9.53 -21.07
CA HIS B 50 -19.81 -8.49 -21.58
C HIS B 50 -20.18 -7.67 -20.38
N TYR B 51 -20.03 -6.35 -20.48
CA TYR B 51 -20.31 -5.51 -19.32
C TYR B 51 -21.24 -4.38 -19.68
N PHE B 52 -22.38 -4.32 -18.98
CA PHE B 52 -23.22 -3.16 -19.09
C PHE B 52 -22.83 -2.24 -17.98
N ILE B 53 -22.09 -1.21 -18.39
CA ILE B 53 -21.54 -0.20 -17.50
C ILE B 53 -22.05 1.13 -18.03
N ALA B 54 -22.30 2.06 -17.11
CA ALA B 54 -22.74 3.43 -17.46
C ALA B 54 -22.04 4.41 -16.54
N ALA B 55 -22.18 5.71 -16.84
CA ALA B 55 -21.61 6.80 -16.04
C ALA B 55 -22.72 7.60 -15.38
N VAL B 56 -22.77 7.54 -14.05
CA VAL B 56 -23.89 8.12 -13.30
C VAL B 56 -23.48 9.30 -12.44
N GLU B 57 -24.43 10.17 -12.13
CA GLU B 57 -24.22 11.28 -11.19
C GLU B 57 -24.79 10.91 -9.81
N ARG B 58 -24.02 11.17 -8.75
CA ARG B 58 -24.40 10.87 -7.35
C ARG B 58 -24.10 12.02 -6.37
N LEU B 59 -24.56 11.87 -5.14
CA LEU B 59 -24.00 12.61 -4.02
C LEU B 59 -22.84 11.83 -3.43
N TRP B 60 -21.76 12.53 -3.06
CA TRP B 60 -20.64 11.95 -2.28
C TRP B 60 -20.34 12.65 -0.99
N ASP B 61 -19.86 11.86 -0.04
CA ASP B 61 -19.91 12.25 1.33
C ASP B 61 -18.95 11.31 1.96
N TYR B 62 -18.62 11.60 3.21
CA TYR B 62 -18.01 10.64 4.09
C TYR B 62 -18.35 11.22 5.49
N GLY B 63 -19.65 11.53 5.66
CA GLY B 63 -20.26 12.06 6.89
C GLY B 63 -20.65 10.90 7.79
N MET B 64 -19.64 10.49 8.56
CA MET B 64 -19.36 9.09 9.06
C MET B 64 -20.43 8.16 9.66
N SER B 65 -20.23 7.83 10.93
CA SER B 65 -20.90 6.73 11.61
C SER B 65 -20.89 6.80 13.15
N SER B 66 -20.30 7.87 13.73
CA SER B 66 -20.28 8.05 15.20
C SER B 66 -20.90 9.36 15.66
N SER B 79 -24.89 20.81 9.95
CA SER B 79 -23.69 19.98 9.80
C SER B 79 -23.36 19.51 8.33
N VAL B 80 -23.08 18.21 8.11
CA VAL B 80 -22.28 17.58 6.97
C VAL B 80 -22.47 17.89 5.44
N PRO B 81 -21.37 18.06 4.63
CA PRO B 81 -21.20 18.38 3.14
C PRO B 81 -21.79 17.53 1.94
N GLN B 82 -22.22 18.25 0.90
CA GLN B 82 -22.87 17.68 -0.32
C GLN B 82 -21.81 17.04 -1.26
N PHE B 83 -21.78 17.50 -2.52
CA PHE B 83 -20.85 17.10 -3.64
C PHE B 83 -21.44 16.20 -4.75
N LYS B 84 -21.87 16.81 -5.85
CA LYS B 84 -22.30 16.05 -7.03
C LYS B 84 -20.95 15.53 -7.55
N LYS B 85 -20.68 14.24 -7.35
CA LYS B 85 -19.59 13.56 -8.07
C LYS B 85 -20.21 12.66 -9.16
N VAL B 86 -19.40 12.20 -10.14
CA VAL B 86 -19.85 11.24 -11.19
C VAL B 86 -19.09 9.93 -11.01
N VAL B 87 -19.71 8.78 -11.32
CA VAL B 87 -19.01 7.50 -11.22
C VAL B 87 -19.39 6.61 -12.35
N PHE B 88 -18.60 5.54 -12.49
CA PHE B 88 -18.97 4.37 -13.28
C PHE B 88 -19.91 3.47 -12.50
N GLN B 89 -21.08 3.18 -13.09
CA GLN B 89 -22.11 2.32 -12.45
C GLN B 89 -22.35 1.02 -13.21
N GLU B 90 -22.33 -0.08 -12.45
CA GLU B 90 -22.54 -1.42 -12.96
C GLU B 90 -24.03 -1.53 -13.22
N PHE B 91 -24.40 -1.63 -14.49
CA PHE B 91 -25.81 -1.77 -14.83
C PHE B 91 -26.18 -3.21 -15.12
N THR B 92 -27.31 -3.44 -15.79
CA THR B 92 -27.86 -4.81 -15.92
C THR B 92 -28.15 -5.29 -17.35
N ASP B 93 -29.33 -5.00 -17.90
CA ASP B 93 -29.54 -5.35 -19.31
C ASP B 93 -29.24 -4.13 -20.17
N GLY B 94 -29.28 -4.30 -21.49
CA GLY B 94 -29.05 -3.20 -22.42
C GLY B 94 -29.92 -2.00 -22.12
N SER B 95 -31.11 -2.25 -21.56
CA SER B 95 -32.07 -1.21 -21.16
C SER B 95 -31.52 -0.26 -20.11
N PHE B 96 -30.38 -0.60 -19.50
CA PHE B 96 -29.84 0.14 -18.36
C PHE B 96 -31.02 0.49 -17.48
N THR B 97 -31.79 -0.54 -17.18
CA THR B 97 -32.96 -0.35 -16.35
C THR B 97 -32.60 -0.66 -14.88
N GLN B 98 -32.43 -1.95 -14.52
CA GLN B 98 -31.86 -2.30 -13.19
C GLN B 98 -30.43 -1.84 -13.21
N PRO B 99 -29.93 -1.24 -12.12
CA PRO B 99 -28.49 -1.24 -11.91
C PRO B 99 -28.16 -2.48 -11.08
N LEU B 100 -26.95 -3.04 -11.22
CA LEU B 100 -26.58 -4.19 -10.38
C LEU B 100 -26.16 -3.78 -8.96
N TYR B 101 -27.11 -3.89 -8.02
CA TYR B 101 -26.92 -3.96 -6.56
C TYR B 101 -25.52 -4.48 -6.22
N ARG B 102 -24.73 -3.69 -5.51
CA ARG B 102 -23.39 -4.16 -5.14
C ARG B 102 -23.40 -4.89 -3.79
N GLY B 103 -23.12 -6.20 -3.87
CA GLY B 103 -23.31 -7.12 -2.75
C GLY B 103 -22.25 -6.90 -1.70
N GLU B 104 -22.27 -7.71 -0.65
CA GLU B 104 -21.20 -7.62 0.34
C GLU B 104 -19.87 -7.85 -0.34
N LEU B 105 -19.86 -8.81 -1.27
CA LEU B 105 -18.71 -9.07 -2.16
C LEU B 105 -17.84 -7.83 -2.39
N ASN B 106 -18.32 -6.95 -3.27
CA ASN B 106 -17.60 -5.72 -3.59
C ASN B 106 -18.16 -4.46 -2.93
N GLU B 107 -18.25 -4.51 -1.61
CA GLU B 107 -18.74 -3.38 -0.86
C GLU B 107 -17.66 -2.32 -0.84
N HIS B 108 -16.43 -2.80 -0.84
CA HIS B 108 -15.26 -1.98 -0.65
C HIS B 108 -14.87 -1.08 -1.83
N LEU B 109 -15.28 -1.45 -3.04
CA LEU B 109 -14.98 -0.64 -4.23
C LEU B 109 -15.24 0.84 -4.02
N GLY B 110 -16.34 1.12 -3.32
CA GLY B 110 -16.68 2.47 -2.90
C GLY B 110 -16.87 3.28 -4.14
N LEU B 111 -16.08 4.34 -4.25
CA LEU B 111 -16.18 5.30 -5.33
C LEU B 111 -15.80 4.76 -6.72
N LEU B 112 -15.24 3.55 -6.75
CA LEU B 112 -14.86 2.91 -8.01
C LEU B 112 -16.06 2.35 -8.76
N GLY B 113 -15.89 2.27 -10.08
CA GLY B 113 -16.77 1.47 -10.93
C GLY B 113 -16.28 0.03 -10.87
N PRO B 114 -17.04 -0.90 -11.47
CA PRO B 114 -16.94 -2.30 -11.09
C PRO B 114 -15.76 -3.03 -11.70
N TYR B 115 -15.42 -4.14 -11.05
CA TYR B 115 -14.41 -5.03 -11.55
C TYR B 115 -14.88 -5.53 -12.88
N ILE B 116 -14.16 -5.12 -13.94
CA ILE B 116 -14.27 -5.74 -15.27
C ILE B 116 -13.19 -6.80 -15.36
N ARG B 117 -13.58 -8.07 -15.27
CA ARG B 117 -12.61 -9.19 -15.27
C ARG B 117 -12.64 -9.97 -16.60
N ALA B 118 -11.54 -10.68 -16.91
CA ALA B 118 -11.42 -11.47 -18.14
C ALA B 118 -10.19 -12.37 -18.11
N GLU B 119 -10.29 -13.56 -18.71
CA GLU B 119 -9.07 -14.37 -18.97
C GLU B 119 -8.40 -13.92 -20.24
N VAL B 120 -7.25 -14.51 -20.60
CA VAL B 120 -6.45 -13.90 -21.66
C VAL B 120 -6.93 -14.20 -23.04
N GLU B 121 -7.12 -15.47 -23.36
CA GLU B 121 -7.59 -15.74 -24.70
C GLU B 121 -8.96 -15.05 -25.01
N ASP B 122 -9.57 -14.47 -23.96
CA ASP B 122 -10.98 -13.92 -23.93
C ASP B 122 -11.25 -12.62 -24.71
N ASN B 123 -12.52 -12.21 -24.72
CA ASN B 123 -12.95 -10.92 -25.25
C ASN B 123 -13.60 -10.10 -24.18
N ILE B 124 -13.41 -8.79 -24.25
CA ILE B 124 -14.14 -7.90 -23.37
C ILE B 124 -15.07 -7.06 -24.22
N MET B 125 -16.30 -6.89 -23.75
CA MET B 125 -17.21 -5.96 -24.38
C MET B 125 -17.89 -5.08 -23.34
N VAL B 126 -17.60 -3.80 -23.44
CA VAL B 126 -18.20 -2.86 -22.55
C VAL B 126 -19.10 -1.96 -23.37
N THR B 127 -20.41 -2.21 -23.29
CA THR B 127 -21.45 -1.34 -23.84
C THR B 127 -21.77 -0.25 -22.80
N PHE B 128 -21.35 0.97 -23.14
CA PHE B 128 -21.24 2.09 -22.21
C PHE B 128 -22.26 3.21 -22.48
N ARG B 129 -22.90 3.68 -21.40
CA ARG B 129 -23.94 4.72 -21.47
C ARG B 129 -23.68 5.91 -20.57
N ASN B 130 -23.56 7.08 -21.18
CA ASN B 130 -23.33 8.32 -20.48
C ASN B 130 -24.67 8.89 -20.00
N GLN B 131 -25.10 8.38 -18.87
CA GLN B 131 -26.31 8.84 -18.23
C GLN B 131 -26.04 10.09 -17.44
N ALA B 132 -24.99 10.82 -17.82
CA ALA B 132 -24.60 11.99 -17.05
C ALA B 132 -25.02 13.30 -17.72
N SER B 133 -24.45 14.39 -17.23
CA SER B 133 -24.70 15.73 -17.73
C SER B 133 -23.71 16.13 -18.86
N ARG B 134 -22.41 15.89 -18.66
CA ARG B 134 -21.38 16.31 -19.63
C ARG B 134 -20.83 15.12 -20.38
N PRO B 135 -20.18 15.38 -21.54
CA PRO B 135 -19.58 14.30 -22.31
C PRO B 135 -18.43 13.60 -21.55
N TYR B 136 -18.45 12.27 -21.45
CA TYR B 136 -17.29 11.44 -20.98
C TYR B 136 -16.99 10.22 -21.91
N SER B 137 -15.94 9.46 -21.60
CA SER B 137 -15.48 8.33 -22.45
C SER B 137 -15.20 7.05 -21.61
N PHE B 138 -14.74 5.99 -22.26
CA PHE B 138 -14.38 4.77 -21.52
C PHE B 138 -12.89 4.69 -21.30
N TYR B 139 -12.16 4.12 -22.26
CA TYR B 139 -10.69 4.09 -22.22
C TYR B 139 -10.02 3.40 -21.04
N SER B 140 -9.28 2.35 -21.38
CA SER B 140 -8.14 1.89 -20.62
C SER B 140 -6.92 1.98 -21.57
N SER B 141 -5.80 1.44 -21.13
CA SER B 141 -4.69 1.25 -22.04
C SER B 141 -5.10 0.18 -23.04
N LEU B 142 -5.39 -1.02 -22.53
CA LEU B 142 -5.55 -2.25 -23.31
C LEU B 142 -6.52 -2.23 -24.48
N ILE B 143 -7.51 -1.34 -24.38
CA ILE B 143 -8.65 -1.20 -25.28
C ILE B 143 -8.35 -1.08 -26.82
N SER B 144 -7.95 -2.19 -27.45
CA SER B 144 -7.25 -2.16 -28.76
C SER B 144 -8.15 -2.26 -30.00
N TYR B 145 -7.90 -1.39 -31.00
CA TYR B 145 -8.82 -1.12 -32.17
C TYR B 145 -8.60 -1.86 -33.49
N GLU B 146 -9.14 -1.27 -34.56
CA GLU B 146 -9.16 -1.96 -35.84
C GLU B 146 -8.22 -1.38 -36.93
N GLU B 147 -8.64 -0.28 -37.59
CA GLU B 147 -7.86 0.43 -38.64
C GLU B 147 -8.72 1.05 -39.78
N ASP B 148 -8.24 2.15 -40.36
CA ASP B 148 -8.82 2.76 -41.57
C ASP B 148 -9.75 1.82 -42.37
N PRO B 155 -9.63 10.92 -39.85
CA PRO B 155 -10.51 11.22 -38.71
C PRO B 155 -10.36 10.27 -37.46
N ARG B 156 -9.32 10.44 -36.62
CA ARG B 156 -8.99 9.43 -35.55
C ARG B 156 -9.37 9.74 -34.08
N LYS B 157 -10.47 9.11 -33.59
CA LYS B 157 -10.85 8.89 -32.13
C LYS B 157 -12.37 9.07 -31.65
N ASN B 158 -12.61 9.48 -30.39
CA ASN B 158 -13.94 9.31 -29.71
C ASN B 158 -14.17 10.05 -28.37
N PHE B 159 -15.44 10.42 -28.14
CA PHE B 159 -16.03 10.61 -26.79
C PHE B 159 -17.55 10.32 -26.84
N VAL B 160 -18.20 10.11 -25.70
CA VAL B 160 -19.66 9.95 -25.72
C VAL B 160 -20.45 11.03 -25.02
N LYS B 161 -21.28 11.68 -25.85
CA LYS B 161 -22.16 12.78 -25.44
C LYS B 161 -23.13 12.26 -24.36
N PRO B 162 -23.70 13.17 -23.54
CA PRO B 162 -24.73 12.79 -22.58
C PRO B 162 -25.83 11.87 -23.19
N ASN B 163 -26.63 11.18 -22.37
CA ASN B 163 -27.79 10.40 -22.88
C ASN B 163 -27.41 9.54 -24.13
N GLU B 164 -26.14 9.14 -24.24
CA GLU B 164 -25.66 8.42 -25.45
C GLU B 164 -24.99 7.09 -25.11
N THR B 165 -25.02 6.14 -26.05
CA THR B 165 -24.44 4.81 -25.85
C THR B 165 -23.27 4.59 -26.78
N LYS B 166 -22.13 4.17 -26.23
CA LYS B 166 -21.04 3.63 -27.06
C LYS B 166 -20.70 2.20 -26.64
N THR B 167 -20.12 1.48 -27.58
CA THR B 167 -19.72 0.12 -27.34
C THR B 167 -18.27 -0.03 -27.72
N TYR B 168 -17.51 -0.71 -26.86
CA TYR B 168 -16.15 -1.09 -27.21
C TYR B 168 -15.95 -2.57 -26.94
N PHE B 169 -15.37 -3.25 -27.92
CA PHE B 169 -15.19 -4.72 -27.92
C PHE B 169 -13.82 -5.00 -28.53
N TRP B 170 -13.03 -5.84 -27.86
CA TRP B 170 -11.64 -6.11 -28.27
C TRP B 170 -11.08 -7.43 -27.66
N LYS B 171 -10.22 -8.12 -28.42
CA LYS B 171 -9.61 -9.37 -27.93
C LYS B 171 -8.44 -9.09 -26.99
N VAL B 172 -8.50 -9.65 -25.78
CA VAL B 172 -7.36 -9.65 -24.87
C VAL B 172 -6.18 -10.38 -25.54
N GLN B 173 -4.98 -9.85 -25.41
CA GLN B 173 -3.77 -10.48 -25.96
C GLN B 173 -2.92 -10.96 -24.75
N HIS B 174 -1.81 -11.69 -24.95
CA HIS B 174 -0.84 -11.97 -23.85
C HIS B 174 -0.10 -10.68 -23.45
N HIS B 175 -0.05 -9.73 -24.41
CA HIS B 175 0.53 -8.35 -24.31
C HIS B 175 -0.20 -7.45 -23.27
N MET B 176 -1.40 -7.88 -22.86
CA MET B 176 -2.20 -7.22 -21.80
C MET B 176 -2.44 -8.13 -20.58
N ALA B 177 -1.73 -9.27 -20.54
CA ALA B 177 -1.83 -10.24 -19.46
C ALA B 177 -0.62 -10.19 -18.53
N PRO B 178 -0.72 -10.92 -17.42
CA PRO B 178 0.35 -11.35 -16.52
C PRO B 178 1.35 -12.38 -17.11
N THR B 179 2.65 -12.14 -16.96
CA THR B 179 3.71 -13.13 -17.30
C THR B 179 3.55 -14.34 -16.38
N LYS B 180 3.88 -15.54 -16.89
CA LYS B 180 4.05 -16.77 -16.08
C LYS B 180 4.62 -16.49 -14.68
N ASP B 181 5.23 -15.33 -14.52
CA ASP B 181 5.99 -15.00 -13.36
C ASP B 181 5.19 -14.10 -12.45
N GLU B 182 4.08 -13.56 -12.97
CA GLU B 182 3.35 -12.58 -12.18
C GLU B 182 2.49 -13.24 -11.11
N PHE B 183 1.26 -12.75 -11.01
CA PHE B 183 0.26 -13.28 -10.11
C PHE B 183 -0.90 -13.70 -10.98
N ASP B 184 -1.73 -14.64 -10.49
CA ASP B 184 -2.84 -15.21 -11.28
C ASP B 184 -3.64 -14.19 -12.10
N CYS B 185 -3.72 -12.97 -11.59
CA CYS B 185 -4.27 -11.84 -12.32
C CYS B 185 -3.30 -10.65 -12.27
N LYS B 186 -3.63 -9.66 -13.10
CA LYS B 186 -2.95 -8.38 -13.11
C LYS B 186 -4.08 -7.33 -13.08
N ALA B 187 -3.89 -6.24 -12.35
CA ALA B 187 -4.89 -5.18 -12.44
C ALA B 187 -4.43 -4.06 -13.36
N TRP B 188 -5.40 -3.50 -14.07
CA TRP B 188 -5.16 -2.43 -15.03
C TRP B 188 -6.21 -1.42 -14.75
N ALA B 189 -5.90 -0.14 -15.01
CA ALA B 189 -6.82 0.97 -14.74
C ALA B 189 -7.71 1.32 -15.93
N TYR B 190 -8.93 1.79 -15.66
CA TYR B 190 -9.80 2.39 -16.70
C TYR B 190 -10.49 3.62 -16.13
N PHE B 191 -10.68 4.62 -16.99
CA PHE B 191 -11.18 5.95 -16.58
C PHE B 191 -11.45 6.79 -17.80
N SER B 192 -12.25 7.86 -17.66
CA SER B 192 -12.57 8.66 -18.84
C SER B 192 -11.47 9.58 -19.19
N ASP B 193 -11.21 9.65 -20.50
CA ASP B 193 -10.12 10.43 -21.10
C ASP B 193 -10.60 11.68 -21.83
N VAL B 194 -11.80 12.12 -21.44
CA VAL B 194 -12.32 13.37 -21.92
C VAL B 194 -11.52 14.51 -21.32
N ASP B 195 -11.32 14.50 -20.02
CA ASP B 195 -10.24 15.26 -19.41
C ASP B 195 -9.52 14.29 -18.52
N LEU B 196 -8.39 13.80 -18.99
CA LEU B 196 -7.64 12.72 -18.31
C LEU B 196 -7.45 13.07 -16.83
N GLU B 197 -7.42 14.38 -16.54
CA GLU B 197 -7.24 14.98 -15.21
C GLU B 197 -8.55 15.23 -14.45
N LYS B 198 -9.45 16.04 -15.01
CA LYS B 198 -10.73 16.37 -14.36
C LYS B 198 -11.71 15.19 -14.18
N ASP B 199 -11.82 14.35 -15.22
CA ASP B 199 -12.67 13.15 -15.19
C ASP B 199 -12.12 12.02 -14.31
N VAL B 200 -11.38 12.44 -13.30
CA VAL B 200 -11.01 11.56 -12.23
C VAL B 200 -11.54 12.20 -10.96
N HIS B 201 -11.18 13.46 -10.75
CA HIS B 201 -11.60 14.14 -9.55
C HIS B 201 -13.12 14.14 -9.55
N SER B 202 -13.69 14.36 -10.73
CA SER B 202 -15.14 14.22 -10.90
C SER B 202 -15.59 12.88 -10.29
N GLY B 203 -14.96 11.77 -10.70
CA GLY B 203 -15.14 10.46 -10.02
C GLY B 203 -15.07 9.15 -10.82
N LEU B 204 -14.44 9.18 -11.99
CA LEU B 204 -14.54 8.03 -12.84
C LEU B 204 -13.24 7.21 -12.88
N ILE B 205 -13.12 6.21 -12.00
CA ILE B 205 -12.12 5.14 -12.21
C ILE B 205 -12.69 3.86 -11.73
N GLY B 206 -12.26 2.80 -12.42
CA GLY B 206 -12.50 1.42 -12.01
C GLY B 206 -11.30 0.53 -12.36
N PRO B 207 -11.28 -0.71 -11.82
CA PRO B 207 -10.27 -1.71 -12.14
C PRO B 207 -10.75 -2.74 -13.17
N LEU B 208 -9.81 -3.26 -13.94
CA LEU B 208 -10.11 -4.12 -15.09
C LEU B 208 -9.07 -5.21 -15.12
N LEU B 209 -9.44 -6.35 -14.57
CA LEU B 209 -8.47 -7.40 -14.24
C LEU B 209 -8.29 -8.40 -15.35
N VAL B 210 -7.05 -8.62 -15.78
CA VAL B 210 -6.77 -9.69 -16.72
C VAL B 210 -6.22 -10.89 -15.97
N CYS B 211 -6.78 -12.05 -16.21
CA CYS B 211 -6.34 -13.21 -15.48
C CYS B 211 -5.86 -14.36 -16.37
N HIS B 212 -5.13 -15.31 -15.77
CA HIS B 212 -4.60 -16.49 -16.47
C HIS B 212 -5.73 -17.41 -16.82
N THR B 213 -5.56 -18.24 -17.84
CA THR B 213 -6.69 -19.08 -18.27
C THR B 213 -7.00 -20.13 -17.19
N ASN B 214 -8.25 -20.60 -17.18
CA ASN B 214 -8.78 -21.46 -16.12
C ASN B 214 -8.64 -20.93 -14.69
N THR B 215 -8.49 -19.63 -14.59
CA THR B 215 -8.40 -18.99 -13.31
C THR B 215 -9.73 -18.41 -12.80
N LEU B 216 -10.55 -17.81 -13.68
CA LEU B 216 -11.85 -17.29 -13.25
C LEU B 216 -12.83 -18.43 -13.27
N ASN B 217 -13.70 -18.47 -12.27
CA ASN B 217 -14.58 -19.60 -12.10
C ASN B 217 -15.84 -19.47 -12.95
N PRO B 218 -16.18 -20.52 -13.72
CA PRO B 218 -17.26 -20.38 -14.70
C PRO B 218 -18.51 -19.88 -14.01
N ALA B 219 -19.25 -19.04 -14.72
CA ALA B 219 -20.52 -18.41 -14.25
C ALA B 219 -20.44 -17.70 -12.87
N HIS B 220 -19.78 -18.36 -11.92
CA HIS B 220 -19.82 -17.98 -10.51
C HIS B 220 -19.16 -16.65 -10.16
N GLY B 221 -19.21 -15.66 -11.07
CA GLY B 221 -18.39 -14.47 -10.93
C GLY B 221 -16.95 -14.85 -11.25
N ARG B 222 -15.98 -14.17 -10.66
CA ARG B 222 -14.61 -14.28 -11.16
C ARG B 222 -13.54 -14.51 -10.09
N GLN B 223 -12.46 -15.21 -10.49
CA GLN B 223 -11.55 -15.92 -9.56
C GLN B 223 -12.39 -16.78 -8.63
N VAL B 224 -11.96 -16.93 -7.38
CA VAL B 224 -12.75 -17.61 -6.33
C VAL B 224 -11.93 -18.08 -5.12
N THR B 225 -10.69 -18.51 -5.36
CA THR B 225 -9.86 -19.15 -4.32
C THR B 225 -8.97 -18.21 -3.50
N VAL B 226 -9.10 -16.92 -3.80
CA VAL B 226 -8.48 -15.90 -3.00
C VAL B 226 -9.49 -14.78 -2.97
N GLN B 227 -9.50 -14.01 -1.88
CA GLN B 227 -10.32 -12.82 -1.82
C GLN B 227 -9.47 -11.71 -2.42
N GLU B 228 -10.05 -11.05 -3.41
CA GLU B 228 -9.44 -9.93 -4.13
C GLU B 228 -10.01 -8.69 -3.49
N PHE B 229 -9.16 -7.67 -3.36
CA PHE B 229 -9.60 -6.36 -2.90
C PHE B 229 -8.83 -5.29 -3.64
N ALA B 230 -9.54 -4.26 -4.14
CA ALA B 230 -8.86 -3.17 -4.86
C ALA B 230 -8.91 -1.75 -4.24
N LEU B 231 -7.79 -1.34 -3.62
CA LEU B 231 -7.62 -0.03 -2.98
C LEU B 231 -6.97 1.00 -3.92
N PHE B 232 -7.40 2.26 -3.80
CA PHE B 232 -7.01 3.30 -4.74
C PHE B 232 -6.83 4.61 -3.98
N PHE B 233 -5.63 5.16 -3.99
CA PHE B 233 -5.35 6.28 -3.10
C PHE B 233 -5.21 7.56 -3.88
N THR B 234 -6.02 8.55 -3.54
CA THR B 234 -5.93 9.87 -4.18
C THR B 234 -6.11 10.92 -3.12
N ILE B 235 -5.71 12.14 -3.49
CA ILE B 235 -6.24 13.39 -2.95
C ILE B 235 -7.39 13.74 -3.89
N PHE B 236 -8.60 13.83 -3.35
CA PHE B 236 -9.72 14.32 -4.11
C PHE B 236 -9.82 15.80 -3.81
N ASP B 237 -9.72 16.60 -4.86
CA ASP B 237 -9.67 18.03 -4.66
C ASP B 237 -10.76 18.69 -5.47
N GLU B 238 -11.86 19.00 -4.80
CA GLU B 238 -13.00 19.46 -5.53
C GLU B 238 -12.91 20.91 -5.95
N THR B 239 -11.70 21.36 -6.33
CA THR B 239 -11.53 22.62 -7.11
C THR B 239 -11.51 22.23 -8.56
N LYS B 240 -11.07 21.00 -8.81
CA LYS B 240 -11.30 20.33 -10.06
C LYS B 240 -12.77 19.87 -9.99
N SER B 241 -13.15 18.83 -10.76
CA SER B 241 -14.56 18.35 -10.83
C SER B 241 -15.40 19.32 -11.64
N TRP B 242 -15.73 18.94 -12.87
CA TRP B 242 -16.68 19.70 -13.71
C TRP B 242 -17.85 20.26 -12.86
N TYR B 243 -18.05 19.70 -11.66
CA TYR B 243 -19.16 20.07 -10.78
C TYR B 243 -18.83 21.14 -9.74
N PHE B 244 -18.67 22.36 -10.26
CA PHE B 244 -18.60 23.55 -9.43
C PHE B 244 -19.85 24.38 -9.52
N THR B 245 -20.87 23.71 -9.00
CA THR B 245 -22.06 24.23 -8.34
C THR B 245 -21.59 24.97 -7.03
N GLU B 246 -22.36 24.87 -5.93
CA GLU B 246 -21.87 25.12 -4.52
C GLU B 246 -22.64 25.99 -3.50
N ASN B 247 -22.47 25.64 -2.22
CA ASN B 247 -23.31 26.09 -1.10
C ASN B 247 -22.78 27.35 -0.38
N THR B 264 -13.82 32.91 -4.49
CA THR B 264 -12.73 32.20 -3.84
C THR B 264 -12.30 32.91 -2.54
N PHE B 265 -12.24 32.14 -1.44
CA PHE B 265 -11.72 32.62 -0.15
C PHE B 265 -10.24 32.13 0.06
N LYS B 266 -10.01 30.94 0.64
CA LYS B 266 -8.70 30.19 0.52
C LYS B 266 -8.62 28.79 1.19
N GLU B 267 -9.09 27.79 0.43
CA GLU B 267 -8.80 26.39 0.67
C GLU B 267 -9.60 25.68 1.79
N ASN B 268 -9.89 24.40 1.49
CA ASN B 268 -10.51 23.36 2.35
C ASN B 268 -10.64 21.90 1.77
N TYR B 269 -11.31 21.71 0.62
CA TYR B 269 -11.78 20.37 0.08
C TYR B 269 -10.78 19.34 -0.53
N ARG B 270 -9.88 18.88 0.32
CA ARG B 270 -8.91 17.89 -0.08
C ARG B 270 -9.26 16.62 0.68
N PHE B 271 -9.55 15.56 -0.08
CA PHE B 271 -10.00 14.32 0.53
C PHE B 271 -8.91 13.29 0.34
N HIS B 272 -8.46 12.69 1.44
CA HIS B 272 -7.35 11.75 1.39
C HIS B 272 -7.86 10.33 1.32
N ALA B 273 -8.53 10.09 0.21
CA ALA B 273 -9.44 9.00 0.13
C ALA B 273 -8.88 7.76 -0.53
N ILE B 274 -9.33 6.65 0.05
CA ILE B 274 -9.07 5.31 -0.39
C ILE B 274 -10.39 4.78 -0.95
N ASN B 275 -10.38 4.44 -2.25
CA ASN B 275 -11.60 4.18 -3.00
C ASN B 275 -12.66 5.20 -2.60
N GLY B 276 -12.17 6.44 -2.48
CA GLY B 276 -12.97 7.57 -2.08
C GLY B 276 -13.49 7.65 -0.65
N TYR B 277 -12.75 7.20 0.36
CA TYR B 277 -13.22 7.33 1.76
C TYR B 277 -12.22 7.91 2.74
N ILE B 278 -12.42 9.17 3.09
CA ILE B 278 -11.45 9.91 3.92
C ILE B 278 -11.66 9.62 5.41
N MET B 279 -10.62 9.84 6.23
CA MET B 279 -10.51 9.23 7.57
C MET B 279 -10.87 7.76 7.48
N ASP B 280 -11.65 7.21 8.41
CA ASP B 280 -11.82 5.74 8.39
C ASP B 280 -12.94 5.10 7.57
N THR B 281 -13.73 5.93 6.90
CA THR B 281 -14.97 5.51 6.20
C THR B 281 -14.98 4.16 5.35
N LEU B 282 -13.94 3.86 4.59
CA LEU B 282 -14.02 2.72 3.68
C LEU B 282 -14.46 1.46 4.38
N PRO B 283 -15.64 0.96 4.02
CA PRO B 283 -16.46 0.12 4.84
C PRO B 283 -16.23 -1.37 4.67
N GLY B 284 -15.71 -1.79 3.51
CA GLY B 284 -15.83 -3.19 3.11
C GLY B 284 -14.67 -4.17 3.08
N LEU B 285 -13.96 -4.40 4.19
CA LEU B 285 -12.83 -5.32 4.16
C LEU B 285 -12.97 -6.57 5.04
N VAL B 286 -13.92 -7.43 4.66
CA VAL B 286 -14.20 -8.69 5.34
C VAL B 286 -13.43 -9.81 4.65
N MET B 287 -12.56 -10.47 5.42
CA MET B 287 -11.65 -11.49 4.88
C MET B 287 -11.13 -12.50 5.93
N ALA B 288 -10.92 -13.74 5.48
CA ALA B 288 -10.61 -14.88 6.37
C ALA B 288 -9.14 -14.99 6.77
N GLN B 289 -8.84 -15.64 7.89
CA GLN B 289 -7.44 -15.80 8.26
C GLN B 289 -6.72 -17.00 7.60
N ASP B 290 -7.36 -17.59 6.62
CA ASP B 290 -6.67 -18.55 5.77
C ASP B 290 -6.45 -17.82 4.45
N GLN B 291 -7.49 -17.82 3.63
CA GLN B 291 -7.44 -17.37 2.23
C GLN B 291 -6.44 -16.24 2.03
N ARG B 292 -5.49 -16.46 1.13
CA ARG B 292 -4.57 -15.42 0.74
C ARG B 292 -5.37 -14.37 0.03
N ILE B 293 -4.91 -13.14 0.15
CA ILE B 293 -5.57 -12.04 -0.49
C ILE B 293 -4.59 -11.45 -1.46
N ARG B 294 -5.07 -11.12 -2.66
CA ARG B 294 -4.34 -10.21 -3.51
C ARG B 294 -5.05 -8.86 -3.51
N TRP B 295 -4.28 -7.81 -3.33
CA TRP B 295 -4.80 -6.47 -3.28
C TRP B 295 -4.27 -5.75 -4.47
N TYR B 296 -5.18 -5.06 -5.14
CA TYR B 296 -4.91 -4.32 -6.35
C TYR B 296 -4.75 -2.87 -5.94
N LEU B 297 -3.53 -2.34 -6.03
CA LEU B 297 -3.23 -1.01 -5.52
C LEU B 297 -3.01 0.04 -6.60
N LEU B 298 -3.65 1.20 -6.47
CA LEU B 298 -3.50 2.26 -7.47
C LEU B 298 -3.37 3.66 -6.88
N SER B 299 -2.48 4.48 -7.46
CA SER B 299 -2.48 5.93 -7.23
C SER B 299 -2.91 6.71 -8.48
N MET B 300 -3.10 8.02 -8.39
CA MET B 300 -3.66 8.75 -9.54
C MET B 300 -3.61 10.29 -9.56
N GLY B 301 -2.74 10.81 -10.43
CA GLY B 301 -2.74 12.23 -10.80
C GLY B 301 -1.63 13.10 -10.23
N SER B 302 -2.03 14.14 -9.49
CA SER B 302 -1.15 15.17 -8.92
C SER B 302 0.16 14.61 -8.43
N ASN B 303 1.26 15.24 -8.82
CA ASN B 303 2.59 14.71 -8.57
C ASN B 303 2.95 14.60 -7.08
N GLU B 304 1.96 14.91 -6.24
CA GLU B 304 2.05 14.76 -4.79
C GLU B 304 1.60 13.38 -4.41
N ASN B 305 0.66 12.86 -5.20
CA ASN B 305 0.00 11.59 -4.95
C ASN B 305 0.94 10.40 -4.74
N ILE B 306 2.11 10.64 -4.17
CA ILE B 306 3.10 9.58 -4.06
C ILE B 306 2.94 8.76 -2.77
N HIS B 307 1.70 8.29 -2.56
CA HIS B 307 1.25 7.53 -1.38
C HIS B 307 2.01 6.25 -1.00
N SER B 308 2.83 6.35 0.04
CA SER B 308 3.59 5.21 0.59
C SER B 308 2.71 4.32 1.51
N ILE B 309 2.23 3.21 0.95
CA ILE B 309 1.22 2.37 1.59
C ILE B 309 1.74 1.27 2.53
N HIS B 310 1.18 1.25 3.73
CA HIS B 310 1.52 0.26 4.75
C HIS B 310 0.34 -0.59 5.19
N PHE B 311 0.62 -1.88 5.40
CA PHE B 311 -0.35 -2.79 5.96
C PHE B 311 0.07 -3.26 7.34
N SER B 312 -0.55 -2.68 8.37
CA SER B 312 -0.13 -2.88 9.75
C SER B 312 0.04 -4.37 10.07
N GLY B 313 1.15 -4.72 10.72
CA GLY B 313 1.40 -6.10 11.17
C GLY B 313 1.26 -7.25 10.16
N HIS B 314 1.42 -6.90 8.90
CA HIS B 314 1.20 -7.79 7.80
C HIS B 314 2.31 -7.40 6.81
N VAL B 315 2.81 -8.37 6.03
CA VAL B 315 3.70 -8.11 4.86
C VAL B 315 2.99 -8.56 3.60
N PHE B 316 3.58 -8.30 2.42
CA PHE B 316 3.17 -8.98 1.14
C PHE B 316 4.29 -9.56 0.23
N THR B 317 3.90 -9.96 -0.97
CA THR B 317 4.88 -10.40 -1.94
C THR B 317 4.59 -9.56 -3.19
N VAL B 318 5.64 -9.34 -3.99
CA VAL B 318 5.45 -8.72 -5.31
C VAL B 318 5.93 -9.57 -6.50
N ARG B 319 5.08 -9.53 -7.53
CA ARG B 319 5.26 -10.16 -8.83
C ARG B 319 6.60 -9.74 -9.48
N LYS B 320 6.59 -8.67 -10.29
CA LYS B 320 7.74 -8.26 -11.16
C LYS B 320 8.64 -9.40 -11.69
N LYS B 321 9.96 -9.20 -11.71
CA LYS B 321 10.84 -10.28 -12.19
C LYS B 321 10.68 -11.64 -11.43
N GLU B 322 11.22 -11.77 -10.20
CA GLU B 322 10.95 -12.91 -9.28
C GLU B 322 10.16 -12.41 -8.08
N GLU B 323 9.79 -13.28 -7.14
CA GLU B 323 8.96 -12.81 -6.02
C GLU B 323 9.79 -12.19 -4.90
N TYR B 324 9.41 -10.96 -4.53
CA TYR B 324 10.07 -10.17 -3.48
C TYR B 324 9.12 -9.93 -2.30
N LYS B 325 9.62 -10.05 -1.07
CA LYS B 325 8.79 -9.77 0.10
C LYS B 325 9.00 -8.37 0.67
N MET B 326 7.90 -7.62 0.80
CA MET B 326 7.91 -6.19 1.15
C MET B 326 6.87 -5.84 2.21
N ALA B 327 7.06 -4.74 2.94
CA ALA B 327 6.08 -4.31 3.96
C ALA B 327 5.43 -2.95 3.67
N LEU B 328 6.06 -2.24 2.75
CA LEU B 328 5.59 -0.93 2.34
C LEU B 328 5.79 -0.85 0.85
N TYR B 329 4.76 -0.44 0.12
CA TYR B 329 4.87 -0.23 -1.34
C TYR B 329 4.39 1.18 -1.72
N ASN B 330 5.27 1.95 -2.37
CA ASN B 330 4.97 3.33 -2.77
C ASN B 330 4.27 3.35 -4.11
N LEU B 331 3.18 4.08 -4.19
CA LEU B 331 2.44 4.18 -5.44
C LEU B 331 2.86 5.42 -6.19
N TYR B 332 3.14 5.28 -7.47
CA TYR B 332 3.32 6.44 -8.28
C TYR B 332 2.03 6.59 -9.04
N PRO B 333 1.79 7.77 -9.63
CA PRO B 333 0.56 7.89 -10.42
C PRO B 333 0.53 6.90 -11.59
N GLY B 334 -0.56 6.13 -11.70
CA GLY B 334 -0.80 5.24 -12.85
C GLY B 334 -0.33 3.80 -12.73
N VAL B 335 0.48 3.51 -11.71
CA VAL B 335 1.09 2.17 -11.56
C VAL B 335 0.23 1.21 -10.76
N PHE B 336 -0.65 0.51 -11.46
CA PHE B 336 -1.55 -0.43 -10.81
C PHE B 336 -0.74 -1.66 -10.41
N GLU B 337 -0.75 -1.94 -9.12
CA GLU B 337 0.17 -2.90 -8.53
C GLU B 337 -0.51 -4.04 -7.76
N THR B 338 -0.14 -5.26 -8.12
CA THR B 338 -0.75 -6.45 -7.59
C THR B 338 0.18 -7.09 -6.55
N VAL B 339 -0.30 -7.17 -5.30
CA VAL B 339 0.41 -7.89 -4.20
C VAL B 339 -0.47 -8.89 -3.44
N GLU B 340 0.14 -10.01 -3.01
CA GLU B 340 -0.54 -11.12 -2.30
C GLU B 340 -0.07 -11.21 -0.82
N MET B 341 -1.00 -11.51 0.10
CA MET B 341 -0.67 -11.72 1.53
C MET B 341 -1.58 -12.71 2.24
N LEU B 342 -1.00 -13.37 3.24
CA LEU B 342 -1.63 -14.43 4.01
C LEU B 342 -1.66 -13.90 5.44
N PRO B 343 -2.87 -13.64 5.99
CA PRO B 343 -2.97 -12.78 7.19
C PRO B 343 -2.77 -13.37 8.59
N SER B 344 -1.53 -13.26 9.06
CA SER B 344 -1.12 -13.14 10.48
C SER B 344 -2.09 -13.76 11.50
N LYS B 345 -2.51 -12.88 12.42
CA LYS B 345 -3.45 -13.17 13.49
C LYS B 345 -4.74 -12.45 13.16
N ALA B 346 -5.83 -13.00 13.69
CA ALA B 346 -7.16 -12.51 13.39
C ALA B 346 -7.42 -11.24 14.18
N GLY B 347 -8.35 -10.43 13.68
CA GLY B 347 -8.68 -9.18 14.34
C GLY B 347 -8.99 -8.04 13.39
N ILE B 348 -9.00 -6.82 13.96
CA ILE B 348 -9.37 -5.63 13.23
C ILE B 348 -8.16 -4.71 13.11
N TRP B 349 -7.60 -4.63 11.90
CA TRP B 349 -6.32 -3.94 11.64
C TRP B 349 -6.47 -2.74 10.71
N ARG B 350 -5.38 -1.99 10.46
CA ARG B 350 -5.43 -0.88 9.49
C ARG B 350 -4.45 -0.87 8.31
N VAL B 351 -4.89 -0.18 7.27
CA VAL B 351 -4.08 0.15 6.10
C VAL B 351 -4.09 1.68 5.91
N GLU B 352 -2.89 2.26 5.87
CA GLU B 352 -2.68 3.70 6.01
C GLU B 352 -1.51 4.12 5.12
N CYS B 353 -1.55 5.33 4.56
CA CYS B 353 -0.37 5.85 3.89
C CYS B 353 0.59 6.43 4.91
N LEU B 354 1.73 5.80 5.09
CA LEU B 354 2.60 6.13 6.20
C LEU B 354 3.28 7.54 6.20
N ILE B 355 2.94 8.36 5.21
CA ILE B 355 3.57 9.66 5.17
C ILE B 355 2.76 10.64 5.97
N GLY B 356 3.27 10.88 7.17
CA GLY B 356 2.64 11.71 8.19
C GLY B 356 1.44 12.53 7.75
N GLU B 357 1.71 13.74 7.26
CA GLU B 357 0.66 14.72 6.94
C GLU B 357 -0.50 14.01 6.23
N HIS B 358 -0.17 13.31 5.15
CA HIS B 358 -1.11 12.51 4.36
C HIS B 358 -2.04 11.58 5.16
N LEU B 359 -1.61 11.22 6.37
CA LEU B 359 -2.35 10.31 7.23
C LEU B 359 -3.32 11.05 8.13
N HIS B 360 -2.82 12.04 8.86
CA HIS B 360 -3.63 12.81 9.78
C HIS B 360 -4.37 13.81 8.95
N ALA B 361 -4.83 13.28 7.82
CA ALA B 361 -5.61 14.00 6.83
C ALA B 361 -6.62 13.02 6.31
N GLY B 362 -6.51 11.79 6.82
CA GLY B 362 -7.42 10.66 6.56
C GLY B 362 -6.87 9.64 5.60
N MET B 363 -6.17 8.63 6.10
CA MET B 363 -5.84 7.54 5.20
C MET B 363 -6.25 6.24 5.83
N SER B 364 -6.07 6.14 7.14
CA SER B 364 -6.49 4.97 7.91
C SER B 364 -7.79 4.39 7.37
N THR B 365 -7.83 3.08 7.27
CA THR B 365 -9.00 2.41 6.81
C THR B 365 -8.81 1.02 7.28
N LEU B 366 -9.89 0.39 7.68
CA LEU B 366 -9.76 -0.85 8.41
C LEU B 366 -10.14 -2.13 7.65
N PHE B 367 -9.65 -3.26 8.15
CA PHE B 367 -10.02 -4.58 7.65
C PHE B 367 -10.11 -5.61 8.79
N LEU B 368 -11.14 -6.45 8.73
CA LEU B 368 -11.26 -7.52 9.69
C LEU B 368 -10.85 -8.81 9.07
N VAL B 369 -9.83 -9.40 9.68
CA VAL B 369 -9.53 -10.81 9.51
C VAL B 369 -10.16 -11.62 10.66
N TYR B 370 -11.18 -12.37 10.32
CA TYR B 370 -11.87 -13.18 11.29
C TYR B 370 -11.31 -14.54 11.11
N SER B 371 -11.44 -15.33 12.17
CA SER B 371 -11.21 -16.76 12.06
C SER B 371 -12.58 -17.27 11.80
N ASN B 372 -12.64 -18.37 11.04
CA ASN B 372 -13.88 -19.15 10.96
C ASN B 372 -13.75 -20.54 11.54
N LYS B 373 -12.61 -20.82 12.16
CA LYS B 373 -12.55 -21.88 13.16
C LYS B 373 -13.19 -21.38 14.46
N CYS B 374 -13.84 -20.21 14.38
CA CYS B 374 -14.76 -19.72 15.40
C CYS B 374 -16.14 -19.53 14.80
N GLN B 375 -16.88 -20.63 14.62
CA GLN B 375 -18.34 -20.55 14.53
C GLN B 375 -18.81 -20.99 15.94
N THR B 376 -19.83 -20.34 16.50
CA THR B 376 -20.38 -20.72 17.82
C THR B 376 -21.79 -20.20 18.06
N PRO B 377 -22.57 -20.89 18.94
CA PRO B 377 -23.98 -20.55 18.98
C PRO B 377 -24.15 -19.19 19.63
N LEU B 378 -24.95 -18.31 19.02
CA LEU B 378 -25.15 -16.97 19.62
C LEU B 378 -26.09 -16.93 20.82
N GLY B 379 -26.67 -18.10 21.15
CA GLY B 379 -27.39 -18.34 22.39
C GLY B 379 -28.89 -18.14 22.31
N MET B 380 -29.50 -18.51 21.20
CA MET B 380 -30.95 -18.62 21.14
C MET B 380 -31.37 -20.02 21.51
N ALA B 381 -30.34 -20.83 21.67
CA ALA B 381 -30.41 -22.20 22.16
C ALA B 381 -30.88 -22.17 23.62
N SER B 382 -29.93 -21.83 24.52
CA SER B 382 -30.22 -21.45 25.88
C SER B 382 -30.74 -20.03 25.77
N GLY B 383 -31.52 -19.61 26.76
CA GLY B 383 -32.05 -18.26 26.76
C GLY B 383 -31.00 -17.20 27.00
N HIS B 384 -29.77 -17.43 26.51
CA HIS B 384 -28.70 -16.46 26.69
C HIS B 384 -28.97 -15.18 25.89
N ILE B 385 -29.74 -15.30 24.82
CA ILE B 385 -30.37 -14.15 24.19
C ILE B 385 -31.72 -13.97 24.91
N ARG B 386 -31.80 -13.05 25.87
CA ARG B 386 -32.99 -12.95 26.75
C ARG B 386 -34.29 -12.66 26.01
N ASP B 387 -35.41 -12.95 26.68
CA ASP B 387 -36.72 -13.01 26.04
C ASP B 387 -37.14 -11.77 25.23
N PHE B 388 -36.68 -10.58 25.64
CA PHE B 388 -36.80 -9.40 24.78
C PHE B 388 -35.79 -9.54 23.61
N GLN B 389 -35.34 -8.43 23.01
CA GLN B 389 -34.39 -8.43 21.86
C GLN B 389 -34.74 -9.38 20.66
N ILE B 390 -35.98 -9.87 20.63
CA ILE B 390 -36.52 -10.62 19.48
C ILE B 390 -37.88 -10.00 19.12
N THR B 391 -37.97 -9.39 17.94
CA THR B 391 -39.23 -8.75 17.51
C THR B 391 -39.85 -9.44 16.28
N ALA B 392 -41.13 -9.12 16.05
CA ALA B 392 -41.86 -9.63 14.90
C ALA B 392 -42.55 -8.50 14.17
N SER B 393 -42.98 -8.78 12.94
CA SER B 393 -43.82 -7.85 12.18
C SER B 393 -45.16 -7.88 12.88
N GLY B 394 -45.48 -9.06 13.39
CA GLY B 394 -46.70 -9.28 14.12
C GLY B 394 -46.65 -10.74 14.47
N GLN B 395 -47.76 -11.23 15.01
CA GLN B 395 -47.87 -12.64 15.32
C GLN B 395 -49.31 -13.12 15.24
N TYR B 396 -49.44 -14.44 15.25
CA TYR B 396 -50.72 -15.11 15.28
C TYR B 396 -51.11 -15.51 16.71
N GLY B 397 -51.98 -14.71 17.33
CA GLY B 397 -52.48 -14.91 18.71
C GLY B 397 -51.36 -14.82 19.72
N GLN B 398 -51.33 -15.76 20.66
CA GLN B 398 -50.05 -16.14 21.25
C GLN B 398 -49.45 -17.18 20.28
N TRP B 399 -48.12 -17.33 20.27
CA TRP B 399 -47.41 -18.04 19.21
C TRP B 399 -46.42 -17.01 18.76
N ALA B 400 -45.85 -16.35 19.75
CA ALA B 400 -45.00 -15.20 19.55
C ALA B 400 -43.56 -15.58 19.17
N PRO B 401 -42.79 -14.59 18.67
CA PRO B 401 -41.34 -14.67 18.74
C PRO B 401 -40.96 -14.38 20.18
N LYS B 402 -39.80 -14.87 20.58
CA LYS B 402 -39.53 -15.17 21.97
C LYS B 402 -39.63 -16.68 22.00
N LEU B 403 -40.85 -17.20 21.84
CA LEU B 403 -41.07 -18.65 21.66
C LEU B 403 -40.33 -19.17 20.41
N ALA B 404 -39.61 -18.24 19.74
CA ALA B 404 -38.88 -18.47 18.47
C ALA B 404 -37.51 -19.19 18.56
N ARG B 405 -37.08 -19.56 19.75
CA ARG B 405 -35.77 -20.20 19.96
C ARG B 405 -35.76 -21.58 19.39
N LEU B 406 -34.60 -22.00 18.90
CA LEU B 406 -34.44 -23.34 18.35
C LEU B 406 -34.67 -24.38 19.42
N HIS B 407 -35.44 -25.40 19.04
CA HIS B 407 -35.75 -26.56 19.86
C HIS B 407 -36.79 -26.40 20.94
N TYR B 408 -37.41 -25.22 21.04
CA TYR B 408 -38.42 -25.01 22.06
C TYR B 408 -39.45 -26.16 21.98
N SER B 409 -39.68 -26.81 23.12
CA SER B 409 -40.54 -27.99 23.20
C SER B 409 -41.93 -27.61 23.64
N GLY B 410 -42.76 -28.62 23.90
CA GLY B 410 -44.20 -28.41 23.99
C GLY B 410 -44.71 -28.20 22.58
N SER B 411 -46.02 -28.30 22.39
CA SER B 411 -46.56 -27.92 21.10
C SER B 411 -46.97 -26.46 21.18
N ILE B 412 -47.04 -25.93 22.41
CA ILE B 412 -47.02 -24.47 22.65
C ILE B 412 -45.61 -23.87 22.41
N ASN B 413 -45.23 -23.69 21.15
CA ASN B 413 -43.86 -23.29 20.77
C ASN B 413 -43.65 -22.65 19.38
N ALA B 414 -42.58 -21.84 19.29
CA ALA B 414 -42.12 -21.10 18.08
C ALA B 414 -43.00 -19.98 17.52
N TRP B 415 -42.35 -18.93 17.02
CA TRP B 415 -43.04 -17.83 16.33
C TRP B 415 -43.91 -18.32 15.14
N SER B 416 -44.99 -17.60 14.82
CA SER B 416 -45.76 -17.81 13.57
C SER B 416 -46.86 -16.76 13.29
N THR B 417 -46.94 -16.29 12.04
CA THR B 417 -48.05 -15.43 11.60
C THR B 417 -48.63 -16.00 10.36
N LYS B 418 -49.93 -15.85 10.19
CA LYS B 418 -50.48 -16.12 8.88
C LYS B 418 -50.59 -14.82 8.11
N GLU B 419 -50.15 -13.72 8.73
CA GLU B 419 -50.08 -12.44 8.02
C GLU B 419 -49.10 -12.57 6.84
N PRO B 420 -49.43 -11.92 5.68
CA PRO B 420 -48.77 -12.15 4.38
C PRO B 420 -47.23 -12.08 4.38
N PHE B 421 -46.67 -10.86 4.34
CA PHE B 421 -45.20 -10.62 4.41
C PHE B 421 -44.72 -10.19 5.79
N SER B 422 -44.35 -11.16 6.60
CA SER B 422 -43.88 -10.90 7.93
C SER B 422 -42.36 -10.74 7.95
N TRP B 423 -41.83 -10.64 9.18
CA TRP B 423 -40.40 -10.57 9.47
C TRP B 423 -40.13 -10.80 10.96
N ILE B 424 -38.89 -11.11 11.31
CA ILE B 424 -38.50 -11.25 12.70
C ILE B 424 -37.07 -10.71 12.85
N LYS B 425 -36.78 -10.07 13.98
CA LYS B 425 -35.51 -9.36 14.14
C LYS B 425 -34.88 -9.60 15.55
N VAL B 426 -33.59 -9.91 15.57
CA VAL B 426 -32.81 -10.07 16.79
C VAL B 426 -31.81 -8.91 16.89
N ASP B 427 -31.83 -8.16 17.98
CA ASP B 427 -30.73 -7.27 18.31
C ASP B 427 -29.70 -8.13 19.07
N LEU B 428 -28.59 -8.49 18.44
CA LEU B 428 -27.54 -9.28 19.13
C LEU B 428 -26.88 -8.46 20.26
N LEU B 429 -27.37 -7.22 20.38
CA LEU B 429 -26.97 -6.23 21.39
C LEU B 429 -25.47 -6.09 21.38
N ALA B 430 -24.96 -5.64 20.23
CA ALA B 430 -23.53 -5.55 19.96
C ALA B 430 -23.18 -6.03 18.55
N PRO B 431 -22.38 -5.22 17.82
CA PRO B 431 -21.70 -5.59 16.58
C PRO B 431 -21.02 -6.99 16.65
N MET B 432 -21.34 -7.90 15.70
CA MET B 432 -20.85 -9.31 15.68
C MET B 432 -20.84 -9.94 14.29
N ILE B 433 -19.86 -10.83 14.04
CA ILE B 433 -19.83 -11.65 12.79
C ILE B 433 -20.76 -12.86 12.93
N ILE B 434 -21.66 -13.05 11.97
CA ILE B 434 -22.63 -14.15 12.02
C ILE B 434 -22.49 -15.05 10.81
N HIS B 435 -21.97 -16.26 11.02
CA HIS B 435 -21.59 -17.18 9.93
C HIS B 435 -22.72 -18.00 9.34
N GLY B 436 -23.81 -18.19 10.08
CA GLY B 436 -24.95 -18.98 9.58
C GLY B 436 -26.19 -18.97 10.47
N ILE B 437 -27.35 -19.21 9.87
CA ILE B 437 -28.57 -19.39 10.66
C ILE B 437 -29.17 -20.80 10.55
N LYS B 438 -29.56 -21.36 11.70
CA LYS B 438 -30.24 -22.63 11.76
C LYS B 438 -31.74 -22.38 11.85
N THR B 439 -32.51 -23.01 10.96
CA THR B 439 -33.98 -22.81 10.83
C THR B 439 -34.82 -24.06 11.21
N GLN B 440 -36.09 -23.84 11.55
CA GLN B 440 -36.98 -24.92 12.04
C GLN B 440 -38.47 -24.68 11.80
N GLY B 441 -39.26 -25.73 12.02
CA GLY B 441 -40.72 -25.65 11.92
C GLY B 441 -41.41 -25.94 13.25
N ALA B 442 -42.67 -26.39 13.19
CA ALA B 442 -43.42 -26.86 14.36
C ALA B 442 -44.67 -27.67 13.99
N ARG B 443 -44.93 -28.76 14.72
CA ARG B 443 -46.16 -29.57 14.55
C ARG B 443 -47.30 -28.68 15.08
N GLN B 444 -48.48 -28.82 14.47
CA GLN B 444 -49.70 -28.21 15.01
C GLN B 444 -50.67 -29.27 15.56
N LYS B 445 -51.71 -29.62 14.82
CA LYS B 445 -52.31 -30.89 15.17
C LYS B 445 -51.70 -31.93 14.24
N PHE B 446 -52.21 -32.06 13.02
CA PHE B 446 -51.54 -32.85 12.02
C PHE B 446 -51.39 -31.92 10.85
N SER B 447 -50.41 -31.04 10.97
CA SER B 447 -50.29 -29.93 10.07
C SER B 447 -48.84 -29.49 10.08
N SER B 448 -48.14 -29.82 9.01
CA SER B 448 -46.74 -29.44 8.82
C SER B 448 -46.66 -27.90 8.85
N LEU B 449 -45.84 -27.37 9.77
CA LEU B 449 -45.76 -25.94 10.00
C LEU B 449 -44.31 -25.37 10.08
N TYR B 450 -43.84 -24.84 8.93
CA TYR B 450 -42.43 -24.48 8.67
C TYR B 450 -42.28 -23.26 7.73
N ILE B 451 -41.14 -22.55 7.82
CA ILE B 451 -40.89 -21.49 6.82
C ILE B 451 -40.14 -22.09 5.69
N SER B 452 -40.60 -21.75 4.50
CA SER B 452 -40.19 -22.46 3.32
C SER B 452 -38.96 -21.87 2.60
N GLN B 453 -39.10 -20.60 2.19
CA GLN B 453 -38.08 -19.84 1.48
C GLN B 453 -38.00 -18.54 2.29
N PHE B 454 -36.82 -17.94 2.33
CA PHE B 454 -36.65 -16.68 3.03
C PHE B 454 -35.40 -15.97 2.58
N ILE B 455 -35.33 -14.65 2.82
CA ILE B 455 -34.14 -13.83 2.53
C ILE B 455 -33.60 -13.25 3.82
N ILE B 456 -32.42 -12.63 3.81
CA ILE B 456 -31.97 -11.97 5.03
C ILE B 456 -31.59 -10.51 4.91
N MET B 457 -32.09 -9.72 5.87
CA MET B 457 -31.67 -8.34 6.10
C MET B 457 -31.00 -8.18 7.48
N TYR B 458 -30.18 -7.14 7.65
CA TYR B 458 -29.37 -6.90 8.86
C TYR B 458 -28.85 -5.48 8.93
N SER B 459 -28.69 -4.97 10.15
CA SER B 459 -28.09 -3.66 10.32
C SER B 459 -27.04 -3.65 11.42
N LEU B 460 -26.08 -2.76 11.23
CA LEU B 460 -24.87 -2.65 12.03
C LEU B 460 -24.99 -1.46 12.96
N ASP B 461 -26.00 -0.64 12.71
CA ASP B 461 -26.35 0.47 13.58
C ASP B 461 -27.68 0.18 14.28
N GLY B 462 -28.78 0.33 13.54
CA GLY B 462 -30.12 0.06 14.03
C GLY B 462 -31.16 0.57 13.05
N LYS B 463 -30.92 1.77 12.54
CA LYS B 463 -31.94 2.48 11.75
C LYS B 463 -31.92 2.05 10.28
N LYS B 464 -30.92 2.51 9.51
CA LYS B 464 -30.79 2.11 8.09
C LYS B 464 -30.22 0.70 7.90
N TRP B 465 -31.07 -0.15 7.33
CA TRP B 465 -30.92 -1.59 7.19
C TRP B 465 -30.23 -1.98 5.89
N GLN B 466 -30.07 -3.29 5.67
CA GLN B 466 -29.40 -3.82 4.47
C GLN B 466 -29.85 -5.22 4.09
N THR B 467 -29.81 -5.56 2.80
CA THR B 467 -30.14 -6.92 2.35
C THR B 467 -28.89 -7.74 2.00
N TYR B 468 -28.92 -9.02 2.34
CA TYR B 468 -27.78 -9.92 2.13
C TYR B 468 -27.83 -10.69 0.81
N ARG B 469 -26.83 -10.37 0.00
CA ARG B 469 -26.47 -11.07 -1.24
C ARG B 469 -25.14 -11.75 -1.02
N GLY B 470 -25.20 -12.95 -0.46
CA GLY B 470 -24.05 -13.82 -0.41
C GLY B 470 -23.36 -13.84 -1.76
N ASN B 471 -22.21 -14.52 -1.80
CA ASN B 471 -21.41 -14.53 -3.00
C ASN B 471 -22.24 -14.48 -4.30
N SER B 472 -21.56 -14.05 -5.35
CA SER B 472 -22.10 -13.98 -6.71
C SER B 472 -23.39 -14.81 -6.88
N THR B 473 -24.52 -14.11 -6.97
CA THR B 473 -25.79 -14.77 -7.08
C THR B 473 -26.61 -14.09 -8.21
N GLY B 474 -26.98 -12.85 -7.95
CA GLY B 474 -27.79 -12.05 -8.86
C GLY B 474 -28.16 -10.74 -8.17
N THR B 475 -29.37 -10.71 -7.59
CA THR B 475 -29.98 -9.52 -6.96
C THR B 475 -29.87 -9.47 -5.43
N LEU B 476 -30.11 -10.63 -4.83
CA LEU B 476 -29.91 -10.90 -3.41
C LEU B 476 -30.01 -12.43 -3.16
N MET B 477 -29.40 -12.91 -2.08
CA MET B 477 -29.35 -14.36 -1.86
C MET B 477 -30.55 -14.90 -1.14
N VAL B 478 -31.17 -15.86 -1.83
CA VAL B 478 -32.38 -16.59 -1.48
C VAL B 478 -31.98 -17.81 -0.69
N PHE B 479 -32.66 -18.03 0.43
CA PHE B 479 -32.32 -19.15 1.31
C PHE B 479 -33.37 -20.25 1.24
N PHE B 480 -32.98 -21.45 1.61
CA PHE B 480 -33.95 -22.51 1.66
C PHE B 480 -34.18 -23.01 3.08
N GLY B 481 -35.42 -22.87 3.50
CA GLY B 481 -35.85 -23.28 4.83
C GLY B 481 -36.24 -24.73 4.83
N ASN B 482 -37.12 -25.08 5.76
CA ASN B 482 -37.38 -26.48 6.06
C ASN B 482 -38.38 -27.06 5.10
N VAL B 483 -38.52 -28.39 5.11
CA VAL B 483 -39.58 -29.04 4.31
C VAL B 483 -40.41 -29.96 5.21
N ASP B 484 -40.25 -29.75 6.53
CA ASP B 484 -41.05 -30.44 7.52
C ASP B 484 -41.00 -29.76 8.88
N SER B 485 -41.88 -30.24 9.74
CA SER B 485 -42.15 -29.70 11.06
C SER B 485 -41.02 -29.82 12.12
N SER B 486 -39.77 -30.06 11.71
CA SER B 486 -38.72 -30.45 12.67
C SER B 486 -37.35 -30.66 12.04
N GLY B 487 -37.34 -30.85 10.73
CA GLY B 487 -36.10 -30.85 9.95
C GLY B 487 -35.44 -29.51 10.21
N ILE B 488 -34.12 -29.45 10.00
CA ILE B 488 -33.34 -28.39 10.62
C ILE B 488 -32.21 -27.76 9.74
N LYS B 489 -32.60 -26.93 8.76
CA LYS B 489 -31.68 -26.40 7.71
C LYS B 489 -30.75 -25.43 8.36
N HIS B 490 -29.46 -25.53 8.03
CA HIS B 490 -28.47 -24.59 8.54
C HIS B 490 -27.79 -23.95 7.34
N ASN B 491 -28.26 -22.77 6.94
CA ASN B 491 -27.67 -22.05 5.79
C ASN B 491 -26.49 -21.28 6.31
N ILE B 492 -25.33 -21.39 5.63
CA ILE B 492 -24.13 -20.63 6.04
C ILE B 492 -24.07 -19.31 5.27
N PHE B 493 -23.64 -18.26 5.97
CA PHE B 493 -23.38 -16.94 5.38
C PHE B 493 -21.95 -16.95 4.81
N ASN B 494 -21.93 -17.21 3.48
CA ASN B 494 -20.75 -17.68 2.69
C ASN B 494 -19.60 -16.75 2.87
N PRO B 495 -19.79 -15.49 2.38
CA PRO B 495 -19.27 -14.27 3.01
C PRO B 495 -20.17 -13.98 4.24
N PRO B 496 -19.55 -13.64 5.38
CA PRO B 496 -20.24 -13.69 6.67
C PRO B 496 -20.83 -12.35 7.09
N ILE B 497 -22.11 -12.35 7.45
CA ILE B 497 -22.78 -11.13 7.85
C ILE B 497 -22.15 -10.50 9.08
N ILE B 498 -22.16 -9.18 9.04
CA ILE B 498 -21.35 -8.39 9.91
C ILE B 498 -22.28 -7.28 10.39
N ALA B 499 -22.96 -7.59 11.50
CA ALA B 499 -24.06 -6.75 12.01
C ALA B 499 -24.24 -6.81 13.53
N ARG B 500 -25.03 -5.86 14.03
CA ARG B 500 -25.59 -5.89 15.38
C ARG B 500 -26.94 -6.60 15.36
N TYR B 501 -27.78 -6.17 14.42
CA TYR B 501 -29.13 -6.67 14.18
C TYR B 501 -29.15 -7.65 13.03
N ILE B 502 -30.14 -8.53 13.02
CA ILE B 502 -30.38 -9.44 11.90
C ILE B 502 -31.86 -9.71 11.74
N ARG B 503 -32.37 -9.54 10.52
CA ARG B 503 -33.81 -9.67 10.27
C ARG B 503 -34.09 -10.77 9.24
N LEU B 504 -35.04 -11.65 9.54
CA LEU B 504 -35.35 -12.69 8.58
C LEU B 504 -36.80 -12.62 8.10
N HIS B 505 -36.97 -12.33 6.81
CA HIS B 505 -38.28 -12.24 6.16
C HIS B 505 -38.49 -13.51 5.36
N PRO B 506 -39.61 -14.23 5.60
CA PRO B 506 -40.11 -15.37 4.78
C PRO B 506 -40.65 -14.98 3.37
N THR B 507 -40.45 -15.82 2.33
CA THR B 507 -41.02 -15.57 0.97
C THR B 507 -42.03 -16.61 0.53
N HIS B 508 -41.93 -17.82 1.09
CA HIS B 508 -42.95 -18.86 0.97
C HIS B 508 -43.00 -19.64 2.30
N TYR B 509 -44.09 -20.37 2.53
CA TYR B 509 -44.24 -21.09 3.79
C TYR B 509 -45.18 -22.23 3.63
N SER B 510 -45.39 -22.94 4.74
CA SER B 510 -46.18 -24.17 4.79
C SER B 510 -47.65 -23.83 4.80
N ILE B 511 -48.09 -23.20 5.89
CA ILE B 511 -49.45 -22.69 6.01
C ILE B 511 -49.49 -21.50 6.96
N ARG B 512 -48.41 -21.39 7.73
CA ARG B 512 -48.05 -20.18 8.42
C ARG B 512 -46.55 -20.12 8.45
N SER B 513 -46.04 -18.92 8.21
CA SER B 513 -44.62 -18.67 8.35
C SER B 513 -44.26 -18.91 9.83
N THR B 514 -43.71 -20.08 10.12
CA THR B 514 -43.41 -20.54 11.49
C THR B 514 -41.92 -20.81 11.67
N LEU B 515 -41.38 -20.48 12.85
CA LEU B 515 -39.92 -20.45 13.01
C LEU B 515 -39.37 -20.67 14.42
N ARG B 516 -38.56 -21.73 14.54
CA ARG B 516 -37.57 -21.87 15.59
C ARG B 516 -36.20 -21.70 14.93
N MET B 517 -35.21 -21.22 15.69
CA MET B 517 -33.92 -20.84 15.11
C MET B 517 -32.82 -20.46 16.10
N GLU B 518 -31.59 -20.71 15.69
CA GLU B 518 -30.44 -20.33 16.46
C GLU B 518 -29.51 -19.60 15.49
N LEU B 519 -28.78 -18.62 16.01
CA LEU B 519 -27.78 -17.92 15.21
C LEU B 519 -26.38 -18.45 15.43
N MET B 520 -25.67 -18.67 14.33
CA MET B 520 -24.26 -19.02 14.42
C MET B 520 -23.35 -17.82 14.14
N GLY B 521 -22.47 -17.54 15.08
CA GLY B 521 -21.62 -16.37 15.00
C GLY B 521 -20.50 -16.45 16.02
N CYS B 522 -19.94 -15.30 16.35
CA CYS B 522 -18.66 -15.16 17.04
C CYS B 522 -18.51 -13.65 17.14
N ASP B 523 -17.84 -13.17 18.19
CA ASP B 523 -17.72 -11.72 18.38
C ASP B 523 -16.89 -11.12 17.25
N LEU B 524 -16.56 -9.84 17.35
CA LEU B 524 -15.78 -9.15 16.32
C LEU B 524 -14.37 -9.68 16.19
N ASN B 525 -13.67 -9.62 17.32
CA ASN B 525 -12.30 -10.01 17.45
C ASN B 525 -12.02 -11.51 17.39
N SER B 526 -12.99 -12.29 16.91
CA SER B 526 -12.83 -13.74 16.74
C SER B 526 -12.40 -14.53 18.01
N CYS B 527 -12.60 -13.93 19.20
CA CYS B 527 -12.15 -14.55 20.46
C CYS B 527 -13.24 -14.86 21.52
N SER B 528 -14.22 -15.67 21.13
CA SER B 528 -15.20 -16.21 22.07
C SER B 528 -15.39 -17.71 21.85
N MET B 529 -14.40 -18.51 22.26
CA MET B 529 -14.41 -19.95 22.00
C MET B 529 -14.18 -20.76 23.27
N PRO B 530 -14.79 -21.95 23.35
CA PRO B 530 -14.50 -22.98 24.34
C PRO B 530 -13.00 -23.19 24.56
N LEU B 531 -12.54 -23.11 25.81
CA LEU B 531 -11.11 -23.19 26.11
C LEU B 531 -10.56 -24.57 26.46
N GLY B 532 -11.44 -25.57 26.49
CA GLY B 532 -10.99 -26.94 26.63
C GLY B 532 -11.60 -27.78 27.74
N MET B 533 -12.11 -27.13 28.79
CA MET B 533 -12.64 -27.86 29.94
C MET B 533 -13.47 -29.08 29.52
N GLU B 534 -14.48 -28.83 28.67
CA GLU B 534 -15.41 -29.87 28.18
C GLU B 534 -14.73 -30.67 27.09
N SER B 535 -13.97 -29.98 26.23
CA SER B 535 -13.15 -30.61 25.18
C SER B 535 -12.20 -31.71 25.69
N LYS B 536 -12.07 -31.84 27.02
CA LYS B 536 -10.95 -32.55 27.65
C LYS B 536 -9.63 -32.04 27.08
N ALA B 537 -9.74 -30.99 26.27
CA ALA B 537 -8.61 -30.26 25.71
C ALA B 537 -7.68 -29.72 26.83
N ILE B 538 -8.28 -29.20 27.90
CA ILE B 538 -7.55 -28.91 29.14
C ILE B 538 -7.27 -30.21 29.91
N SER B 539 -6.00 -30.47 30.24
CA SER B 539 -5.56 -31.73 30.87
C SER B 539 -6.30 -32.04 32.18
N ASP B 540 -6.31 -33.32 32.57
CA ASP B 540 -7.04 -33.76 33.76
C ASP B 540 -6.51 -33.08 35.02
N ALA B 541 -5.37 -33.51 35.53
CA ALA B 541 -4.76 -32.81 36.65
C ALA B 541 -4.07 -31.49 36.18
N GLN B 542 -4.78 -30.72 35.36
CA GLN B 542 -4.42 -29.33 35.03
C GLN B 542 -5.34 -28.41 35.89
N ILE B 543 -6.23 -29.07 36.65
CA ILE B 543 -7.22 -28.48 37.56
C ILE B 543 -7.18 -29.25 38.87
N THR B 544 -6.85 -28.58 39.96
CA THR B 544 -7.35 -29.05 41.26
C THR B 544 -7.97 -27.88 42.04
N ALA B 545 -8.64 -28.21 43.13
CA ALA B 545 -9.45 -27.26 43.87
C ALA B 545 -9.03 -27.19 45.32
N SER B 546 -9.69 -26.31 46.05
CA SER B 546 -9.38 -25.96 47.43
C SER B 546 -9.58 -27.10 48.40
N SER B 547 -9.74 -28.29 47.86
CA SER B 547 -10.21 -29.46 48.56
C SER B 547 -11.45 -29.87 47.83
N TYR B 548 -11.96 -31.03 48.21
CA TYR B 548 -13.08 -31.60 47.54
C TYR B 548 -13.66 -32.71 48.38
N PHE B 549 -14.94 -32.97 48.16
CA PHE B 549 -15.60 -34.08 48.78
C PHE B 549 -15.16 -35.35 48.07
N THR B 550 -14.90 -36.36 48.88
CA THR B 550 -14.71 -37.71 48.39
C THR B 550 -14.80 -38.67 49.55
N ASN B 551 -15.38 -39.84 49.31
CA ASN B 551 -15.50 -40.88 50.32
C ASN B 551 -15.39 -42.27 49.71
N MET B 552 -15.55 -43.29 50.56
CA MET B 552 -15.39 -44.69 50.16
C MET B 552 -16.14 -45.00 48.87
N PHE B 553 -17.19 -44.23 48.60
CA PHE B 553 -17.92 -44.40 47.36
C PHE B 553 -17.56 -43.34 46.29
N ALA B 554 -17.99 -42.10 46.49
CA ALA B 554 -17.79 -41.04 45.49
C ALA B 554 -16.33 -40.51 45.32
N THR B 555 -16.13 -39.67 44.31
CA THR B 555 -14.89 -38.88 44.10
C THR B 555 -15.20 -37.65 43.24
N TRP B 556 -15.67 -36.59 43.88
CA TRP B 556 -16.04 -35.36 43.18
C TRP B 556 -14.80 -34.54 42.88
N SER B 557 -13.84 -35.19 42.22
CA SER B 557 -12.56 -34.60 41.87
C SER B 557 -12.72 -33.29 41.09
N PRO B 558 -11.95 -32.26 41.46
CA PRO B 558 -11.87 -31.00 40.74
C PRO B 558 -11.78 -31.17 39.21
N SER B 559 -11.11 -32.25 38.81
CA SER B 559 -10.92 -32.62 37.43
C SER B 559 -12.19 -33.11 36.72
N LYS B 560 -13.35 -32.88 37.35
CA LYS B 560 -14.68 -33.25 36.84
C LYS B 560 -15.54 -32.02 36.56
N ALA B 561 -14.97 -30.84 36.77
CA ALA B 561 -15.73 -29.57 36.60
C ALA B 561 -15.97 -29.22 35.12
N ARG B 562 -16.59 -30.15 34.41
CA ARG B 562 -16.52 -30.10 32.98
C ARG B 562 -17.87 -29.94 32.29
N LEU B 563 -18.13 -28.70 31.87
CA LEU B 563 -19.38 -28.22 31.27
C LEU B 563 -20.37 -29.29 30.86
N HIS B 564 -19.94 -30.32 30.15
CA HIS B 564 -20.96 -31.28 29.90
C HIS B 564 -20.89 -32.59 30.65
N LEU B 565 -19.66 -33.06 30.89
CA LEU B 565 -19.42 -34.32 31.61
C LEU B 565 -20.64 -35.00 32.24
N GLN B 566 -21.06 -36.09 31.62
CA GLN B 566 -21.90 -37.06 32.29
C GLN B 566 -20.94 -38.09 32.83
N GLY B 567 -21.05 -38.44 34.10
CA GLY B 567 -20.07 -39.33 34.73
C GLY B 567 -20.66 -40.03 35.93
N ARG B 568 -19.79 -40.69 36.71
CA ARG B 568 -20.23 -41.42 37.91
C ARG B 568 -20.63 -40.38 38.96
N SER B 569 -19.65 -39.69 39.52
CA SER B 569 -19.90 -38.48 40.28
C SER B 569 -19.33 -37.36 39.41
N ASN B 570 -20.20 -36.53 38.86
CA ASN B 570 -19.81 -35.76 37.69
C ASN B 570 -19.77 -34.26 37.82
N ALA B 571 -18.81 -33.79 38.59
CA ALA B 571 -18.61 -32.38 38.83
C ALA B 571 -17.65 -32.28 39.97
N TRP B 572 -17.19 -31.06 40.20
CA TRP B 572 -16.44 -30.78 41.39
C TRP B 572 -17.43 -30.44 42.50
N ARG B 573 -17.06 -30.84 43.71
CA ARG B 573 -17.72 -30.43 44.93
C ARG B 573 -16.61 -30.33 45.98
N PRO B 574 -16.61 -29.26 46.79
CA PRO B 574 -15.68 -29.22 47.93
C PRO B 574 -16.17 -30.12 49.06
N GLN B 575 -15.30 -30.44 50.04
CA GLN B 575 -15.72 -31.33 51.13
C GLN B 575 -16.65 -30.67 52.14
N VAL B 576 -16.21 -29.62 52.84
CA VAL B 576 -17.18 -28.82 53.60
C VAL B 576 -17.66 -27.72 52.64
N ASN B 577 -18.77 -27.05 52.96
CA ASN B 577 -19.25 -25.91 52.15
C ASN B 577 -18.84 -24.53 52.68
N ASN B 578 -17.91 -23.89 51.98
CA ASN B 578 -17.30 -22.63 52.41
C ASN B 578 -17.56 -21.50 51.49
N PRO B 579 -17.86 -20.33 52.06
CA PRO B 579 -17.95 -19.13 51.23
C PRO B 579 -16.64 -18.78 50.51
N LYS B 580 -15.50 -18.95 51.19
CA LYS B 580 -14.20 -18.68 50.56
C LYS B 580 -13.54 -19.98 50.12
N GLU B 581 -14.24 -20.65 49.21
CA GLU B 581 -13.77 -21.86 48.60
C GLU B 581 -13.50 -21.52 47.14
N TRP B 582 -12.88 -22.44 46.39
CA TRP B 582 -12.46 -22.19 44.99
C TRP B 582 -12.16 -23.43 44.14
N LEU B 583 -12.06 -23.23 42.82
CA LEU B 583 -11.62 -24.28 41.92
C LEU B 583 -10.68 -23.61 40.97
N GLN B 584 -9.67 -24.37 40.55
CA GLN B 584 -8.52 -23.77 39.86
C GLN B 584 -8.04 -24.51 38.64
N VAL B 585 -8.05 -23.74 37.57
CA VAL B 585 -7.63 -24.13 36.24
C VAL B 585 -6.30 -23.42 35.89
N ASP B 586 -5.26 -24.22 35.63
CA ASP B 586 -4.01 -23.70 35.10
C ASP B 586 -4.07 -23.73 33.59
N PHE B 587 -4.32 -22.60 32.96
CA PHE B 587 -4.10 -22.51 31.51
C PHE B 587 -2.63 -22.78 31.33
N GLN B 588 -2.28 -23.64 30.39
CA GLN B 588 -0.88 -23.90 30.11
C GLN B 588 -0.14 -22.57 29.87
N LYS B 589 -0.59 -21.82 28.88
CA LYS B 589 0.05 -20.57 28.45
C LYS B 589 -0.64 -19.33 29.08
N THR B 590 -0.57 -18.18 28.41
CA THR B 590 -1.38 -17.02 28.77
C THR B 590 -2.56 -16.94 27.82
N MET B 591 -3.76 -16.83 28.41
CA MET B 591 -4.99 -16.81 27.63
C MET B 591 -5.81 -15.53 27.87
N LYS B 592 -6.47 -15.06 26.82
CA LYS B 592 -7.45 -13.98 26.89
C LYS B 592 -8.82 -14.64 27.14
N VAL B 593 -9.48 -14.23 28.24
CA VAL B 593 -10.77 -14.82 28.64
C VAL B 593 -11.95 -13.88 28.21
N THR B 594 -12.99 -14.43 27.56
CA THR B 594 -14.31 -13.75 27.30
C THR B 594 -15.20 -13.86 28.52
N GLY B 595 -15.30 -15.09 29.04
CA GLY B 595 -16.09 -15.35 30.22
C GLY B 595 -16.15 -16.83 30.52
N VAL B 596 -17.07 -17.16 31.43
CA VAL B 596 -17.20 -18.52 31.94
C VAL B 596 -18.65 -19.00 31.87
N THR B 597 -18.84 -20.25 31.49
CA THR B 597 -20.15 -20.91 31.50
C THR B 597 -20.09 -21.80 32.74
N THR B 598 -21.08 -21.66 33.63
CA THR B 598 -21.16 -22.51 34.85
C THR B 598 -22.34 -23.51 34.83
N GLN B 599 -22.37 -24.42 35.82
CA GLN B 599 -23.31 -25.56 35.83
C GLN B 599 -23.57 -26.11 37.25
N GLY B 600 -24.58 -26.98 37.33
CA GLY B 600 -24.86 -27.72 38.54
C GLY B 600 -24.74 -29.20 38.30
N VAL B 601 -25.44 -30.01 39.12
CA VAL B 601 -25.52 -31.47 38.99
C VAL B 601 -26.78 -32.01 39.64
N LYS B 602 -27.24 -33.18 39.23
CA LYS B 602 -28.23 -33.88 40.02
C LYS B 602 -27.55 -35.13 40.60
N SER B 603 -27.86 -35.45 41.86
CA SER B 603 -27.20 -36.58 42.53
C SER B 603 -28.14 -37.69 43.01
N LEU B 604 -29.28 -37.78 42.33
CA LEU B 604 -30.41 -38.64 42.74
C LEU B 604 -30.92 -38.13 44.14
N LEU B 605 -29.94 -37.67 44.92
CA LEU B 605 -30.20 -36.76 46.00
C LEU B 605 -31.08 -35.65 45.45
N THR B 606 -30.49 -34.46 45.38
CA THR B 606 -31.14 -33.28 44.88
C THR B 606 -30.20 -32.62 43.89
N SER B 607 -30.75 -31.60 43.20
CA SER B 607 -30.01 -30.62 42.40
C SER B 607 -29.06 -29.84 43.28
N MET B 608 -27.81 -29.72 42.85
CA MET B 608 -26.83 -28.88 43.53
C MET B 608 -26.37 -27.93 42.47
N TYR B 609 -26.31 -26.63 42.78
CA TYR B 609 -25.69 -25.66 41.86
C TYR B 609 -25.15 -24.46 42.57
N VAL B 610 -24.27 -23.73 41.89
CA VAL B 610 -23.79 -22.50 42.49
C VAL B 610 -24.61 -21.35 41.98
N LYS B 611 -25.11 -20.57 42.93
CA LYS B 611 -26.02 -19.47 42.67
C LYS B 611 -25.21 -18.25 42.24
N GLU B 612 -24.14 -17.97 42.97
CA GLU B 612 -23.41 -16.72 42.83
C GLU B 612 -21.94 -16.97 43.04
N PHE B 613 -21.08 -16.30 42.29
CA PHE B 613 -19.66 -16.56 42.46
C PHE B 613 -18.73 -15.44 42.08
N LEU B 614 -17.48 -15.60 42.49
CA LEU B 614 -16.43 -14.62 42.27
C LEU B 614 -15.24 -15.15 41.58
N ILE B 615 -14.65 -14.34 40.71
CA ILE B 615 -13.43 -14.79 40.10
C ILE B 615 -12.26 -14.06 40.68
N SER B 616 -11.32 -14.85 41.19
CA SER B 616 -9.97 -14.41 41.38
C SER B 616 -9.18 -14.95 40.19
N SER B 617 -8.21 -14.15 39.76
CA SER B 617 -7.21 -14.58 38.81
C SER B 617 -5.84 -14.33 39.41
N SER B 618 -4.84 -15.06 38.92
CA SER B 618 -3.44 -14.83 39.30
C SER B 618 -2.60 -14.69 38.05
N GLN B 619 -1.32 -14.99 38.19
CA GLN B 619 -0.42 -14.85 37.10
C GLN B 619 0.81 -15.67 37.42
N ASP B 620 1.09 -15.80 38.72
CA ASP B 620 2.34 -16.39 39.21
C ASP B 620 2.12 -17.75 39.86
N GLY B 621 0.96 -17.92 40.49
CA GLY B 621 0.63 -19.18 41.13
C GLY B 621 0.06 -18.94 42.51
N HIS B 622 0.67 -17.98 43.22
CA HIS B 622 0.29 -17.69 44.62
C HIS B 622 -0.30 -16.27 44.85
N GLN B 623 -0.07 -15.31 43.92
CA GLN B 623 -0.61 -13.92 44.07
C GLN B 623 -1.81 -13.56 43.17
N TRP B 624 -2.99 -13.65 43.80
CA TRP B 624 -4.32 -13.50 43.21
C TRP B 624 -4.86 -12.11 43.43
N THR B 625 -5.24 -11.45 42.35
CA THR B 625 -5.96 -10.20 42.47
C THR B 625 -7.37 -10.35 41.85
N LEU B 626 -8.35 -10.48 42.75
CA LEU B 626 -9.77 -10.78 42.46
C LEU B 626 -10.41 -9.85 41.40
N PHE B 627 -11.36 -10.36 40.62
CA PHE B 627 -12.01 -9.58 39.57
C PHE B 627 -13.00 -8.59 40.10
N PHE B 628 -12.58 -7.33 40.11
CA PHE B 628 -13.48 -6.22 40.34
C PHE B 628 -14.23 -5.93 39.03
N GLN B 629 -15.18 -4.99 39.05
CA GLN B 629 -15.95 -4.61 37.85
C GLN B 629 -15.87 -3.11 37.58
N ASN B 630 -16.14 -2.31 38.62
CA ASN B 630 -16.00 -0.85 38.60
C ASN B 630 -16.05 -0.27 40.02
N GLY B 631 -15.27 -0.87 40.91
CA GLY B 631 -15.35 -0.61 42.34
C GLY B 631 -15.99 -1.82 43.02
N LYS B 632 -17.01 -2.34 42.34
CA LYS B 632 -17.61 -3.63 42.62
C LYS B 632 -16.51 -4.69 42.57
N VAL B 633 -16.59 -5.67 43.47
CA VAL B 633 -15.86 -6.93 43.32
C VAL B 633 -16.80 -7.87 42.58
N LYS B 634 -16.75 -7.92 41.24
CA LYS B 634 -17.85 -8.51 40.42
C LYS B 634 -18.40 -9.85 40.93
N VAL B 635 -19.67 -9.81 41.38
CA VAL B 635 -20.41 -10.96 41.95
C VAL B 635 -21.24 -11.65 40.89
N PHE B 636 -20.75 -12.78 40.42
CA PHE B 636 -21.24 -13.36 39.20
C PHE B 636 -22.58 -14.04 39.36
N GLN B 637 -23.34 -14.05 38.28
CA GLN B 637 -24.70 -14.53 38.28
C GLN B 637 -24.89 -15.98 37.78
N GLY B 638 -24.77 -16.94 38.71
CA GLY B 638 -24.76 -18.39 38.40
C GLY B 638 -26.09 -19.07 38.09
N ASN B 639 -26.10 -20.39 38.13
CA ASN B 639 -27.21 -21.19 37.60
C ASN B 639 -28.53 -21.13 38.37
N GLN B 640 -29.51 -21.89 37.90
CA GLN B 640 -30.75 -22.07 38.62
C GLN B 640 -31.28 -23.52 38.73
N ASP B 641 -30.43 -24.49 38.40
CA ASP B 641 -30.83 -25.90 38.21
C ASP B 641 -29.65 -26.85 38.13
N SER B 642 -29.92 -28.15 38.14
CA SER B 642 -28.87 -29.10 37.80
C SER B 642 -28.28 -28.81 36.41
N PHE B 643 -29.10 -28.88 35.34
CA PHE B 643 -28.65 -28.60 33.96
C PHE B 643 -28.39 -27.13 33.69
N THR B 644 -28.67 -26.71 32.46
CA THR B 644 -28.60 -25.29 32.08
C THR B 644 -27.24 -24.62 32.31
N PRO B 645 -26.44 -24.55 31.24
CA PRO B 645 -25.22 -23.75 31.22
C PRO B 645 -25.56 -22.29 31.12
N VAL B 646 -25.15 -21.52 32.12
CA VAL B 646 -25.41 -20.10 32.16
C VAL B 646 -24.05 -19.40 32.29
N VAL B 647 -23.87 -18.36 31.47
CA VAL B 647 -22.54 -17.86 31.09
C VAL B 647 -22.38 -16.34 31.31
N ASN B 648 -21.27 -15.93 31.95
CA ASN B 648 -21.00 -14.50 32.18
C ASN B 648 -19.86 -14.00 31.34
N SER B 649 -20.10 -12.89 30.63
CA SER B 649 -19.08 -12.23 29.84
C SER B 649 -18.12 -11.57 30.81
N LEU B 650 -16.97 -11.09 30.33
CA LEU B 650 -16.07 -10.33 31.20
C LEU B 650 -15.89 -8.85 30.80
N ASP B 651 -16.08 -8.00 31.83
CA ASP B 651 -16.04 -6.53 31.81
C ASP B 651 -14.84 -6.11 30.95
N PRO B 652 -13.64 -5.91 31.58
CA PRO B 652 -12.50 -6.01 30.69
C PRO B 652 -12.21 -7.51 30.48
N PRO B 653 -12.03 -7.94 29.21
CA PRO B 653 -11.57 -9.30 28.98
C PRO B 653 -10.27 -9.60 29.73
N LEU B 654 -10.20 -10.74 30.39
CA LEU B 654 -9.17 -11.01 31.39
C LEU B 654 -7.95 -11.78 30.87
N LEU B 655 -6.82 -11.09 30.65
CA LEU B 655 -5.57 -11.76 30.22
C LEU B 655 -4.95 -12.47 31.42
N THR B 656 -4.53 -13.73 31.24
CA THR B 656 -4.11 -14.60 32.38
C THR B 656 -3.58 -16.03 32.08
N ARG B 657 -3.16 -16.68 33.17
CA ARG B 657 -2.56 -18.00 33.18
C ARG B 657 -3.28 -18.75 34.29
N TYR B 658 -3.81 -17.97 35.22
CA TYR B 658 -4.45 -18.54 36.38
C TYR B 658 -5.85 -17.99 36.57
N LEU B 659 -6.83 -18.89 36.56
CA LEU B 659 -8.24 -18.56 36.75
C LEU B 659 -8.78 -19.34 37.94
N ARG B 660 -9.80 -18.79 38.58
CA ARG B 660 -10.31 -19.37 39.79
C ARG B 660 -11.67 -18.81 40.13
N ILE B 661 -12.71 -19.62 39.98
CA ILE B 661 -14.04 -19.19 40.40
C ILE B 661 -14.17 -19.46 41.88
N HIS B 662 -14.98 -18.64 42.55
CA HIS B 662 -15.12 -18.60 44.01
C HIS B 662 -16.60 -18.71 44.45
N PRO B 663 -17.12 -19.94 44.63
CA PRO B 663 -18.54 -20.04 44.99
C PRO B 663 -18.87 -19.25 46.25
N GLN B 664 -19.73 -18.25 46.14
CA GLN B 664 -20.21 -17.56 47.32
C GLN B 664 -21.47 -18.22 47.92
N SER B 665 -22.63 -18.11 47.30
CA SER B 665 -23.83 -18.79 47.81
C SER B 665 -24.38 -19.73 46.75
N TRP B 666 -24.81 -20.90 47.19
CA TRP B 666 -25.18 -21.98 46.27
C TRP B 666 -26.63 -22.33 46.41
N VAL B 667 -26.93 -23.62 46.56
CA VAL B 667 -28.32 -24.08 46.63
C VAL B 667 -28.60 -25.15 47.69
N HIS B 668 -27.99 -26.33 47.46
CA HIS B 668 -28.07 -27.49 48.33
C HIS B 668 -26.64 -27.93 48.70
N GLN B 669 -25.73 -27.80 47.74
CA GLN B 669 -24.32 -28.13 47.89
C GLN B 669 -23.57 -27.21 46.97
N ILE B 670 -22.26 -27.04 47.19
CA ILE B 670 -21.46 -26.46 46.11
C ILE B 670 -21.28 -27.61 45.14
N ALA B 671 -21.57 -27.33 43.88
CA ALA B 671 -21.37 -28.24 42.77
C ALA B 671 -21.16 -27.46 41.50
N LEU B 672 -20.09 -27.85 40.82
CA LEU B 672 -19.64 -27.19 39.61
C LEU B 672 -19.25 -28.15 38.52
N ARG B 673 -19.97 -28.06 37.42
CA ARG B 673 -19.38 -28.32 36.14
C ARG B 673 -19.14 -26.93 35.61
N MET B 674 -18.44 -26.80 34.48
CA MET B 674 -18.14 -25.47 33.93
C MET B 674 -17.16 -25.55 32.78
N GLU B 675 -17.26 -24.61 31.83
CA GLU B 675 -16.15 -24.35 30.91
C GLU B 675 -15.74 -22.91 30.89
N VAL B 676 -14.61 -22.68 30.21
CA VAL B 676 -14.04 -21.34 30.06
C VAL B 676 -14.09 -20.86 28.61
N LEU B 677 -14.27 -19.55 28.43
CA LEU B 677 -14.37 -18.98 27.10
C LEU B 677 -13.18 -18.06 26.80
N GLY B 678 -12.67 -18.10 25.56
CA GLY B 678 -11.59 -17.20 25.11
C GLY B 678 -10.59 -17.78 24.11
N CYS B 679 -9.34 -17.32 24.20
CA CYS B 679 -8.27 -17.70 23.23
C CYS B 679 -6.80 -17.28 23.58
N GLU B 680 -5.99 -17.11 22.55
CA GLU B 680 -4.54 -16.98 22.70
C GLU B 680 -4.07 -15.52 22.65
N ALA B 681 -3.39 -15.01 23.69
CA ALA B 681 -2.91 -13.62 23.64
C ALA B 681 -1.38 -13.47 23.47
N GLN B 682 -0.77 -12.46 24.10
CA GLN B 682 0.70 -12.29 24.10
C GLN B 682 1.37 -13.30 25.03
N ASP B 683 1.72 -14.46 24.46
CA ASP B 683 2.08 -15.70 25.18
C ASP B 683 3.53 -15.75 25.69
N LEU B 684 3.65 -15.59 27.03
CA LEU B 684 4.86 -15.19 27.81
C LEU B 684 4.67 -13.73 28.36
N TYR B 685 5.77 -13.04 28.71
CA TYR B 685 5.84 -11.60 29.12
C TYR B 685 4.90 -10.66 28.34
#